data_6C5U
#
_entry.id   6C5U
#
_cell.length_a   90.249
_cell.length_b   100.280
_cell.length_c   94.040
_cell.angle_alpha   90.00
_cell.angle_beta   105.29
_cell.angle_gamma   90.00
#
_symmetry.space_group_name_H-M   'P 1 21 1'
#
loop_
_entity.id
_entity.type
_entity.pdbx_description
1 polymer 'Bifunctional AAC/APH'
2 non-polymer 'PHOSPHOAMINOPHOSPHONIC ACID-GUANYLATE ESTER'
3 non-polymer RIBOSTAMYCIN
4 non-polymer 'MAGNESIUM ION'
5 non-polymer 'CHLORIDE ION'
6 water water
#
_entity_poly.entity_id   1
_entity_poly.type   'polypeptide(L)'
_entity_poly.pdbx_seq_one_letter_code
;MEYRYDDNATNVKAMKYLIEHYFDNFKVDSIEIIGSGYDSVAYLVNNEYIFKTKFSTNKKKGYAKEKAIYNFLNTNLETN
VKIPNIEYSYISDELSILGYKEIKGTFLTPEIYSTMSEEEQNLLKRDIASFLRQMHGLDYTDISECTIDNKQNVLEEYIL
LRETIYNDLTDIEKDYIESFMERLNATTVFEGKKCLCHNDFSCNHLLLDGNNRLTGIIDFGDSGIIDEYCDFIYLLEDSE
EEIGTNFGEDILRMYGNIDIEKAKEYQDIVEEYYPIETIVYGIKNIKQEFIENGRKEIYKRTYKD
;
_entity_poly.pdbx_strand_id   A,B,C,D
#
loop_
_chem_comp.id
_chem_comp.type
_chem_comp.name
_chem_comp.formula
CL non-polymer 'CHLORIDE ION' 'Cl -1'
GNP non-polymer 'PHOSPHOAMINOPHOSPHONIC ACID-GUANYLATE ESTER' 'C10 H17 N6 O13 P3'
MG non-polymer 'MAGNESIUM ION' 'Mg 2'
RIO non-polymer RIBOSTAMYCIN 'C17 H34 N4 O10'
#
# COMPACT_ATOMS: atom_id res chain seq x y z
N ASP A 7 -3.98 29.12 -1.61
CA ASP A 7 -4.73 27.80 -1.61
C ASP A 7 -4.41 26.96 -2.88
N ASN A 8 -4.11 27.65 -3.98
CA ASN A 8 -3.33 27.12 -5.14
C ASN A 8 -1.91 26.62 -4.65
N ALA A 9 -1.13 27.55 -4.08
CA ALA A 9 0.25 27.30 -3.63
C ALA A 9 0.41 26.33 -2.42
N THR A 10 -0.60 26.16 -1.57
CA THR A 10 -0.52 25.27 -0.37
C THR A 10 -0.85 23.78 -0.62
N ASN A 11 -1.84 23.56 -1.48
CA ASN A 11 -2.28 22.18 -1.85
C ASN A 11 -1.15 21.45 -2.60
N VAL A 12 -0.47 22.24 -3.42
CA VAL A 12 0.67 21.81 -4.18
C VAL A 12 1.88 21.43 -3.30
N LYS A 13 2.10 22.17 -2.21
CA LYS A 13 3.21 21.88 -1.30
C LYS A 13 3.03 20.55 -0.61
N ALA A 14 1.81 20.31 -0.13
CA ALA A 14 1.49 19.03 0.50
C ALA A 14 1.69 17.84 -0.49
N MET A 15 1.24 18.00 -1.74
CA MET A 15 1.38 16.91 -2.70
C MET A 15 2.84 16.72 -3.11
N LYS A 16 3.58 17.83 -3.25
CA LYS A 16 5.04 17.73 -3.46
C LYS A 16 5.68 16.94 -2.36
N TYR A 17 5.24 17.15 -1.13
CA TYR A 17 5.79 16.41 0.01
C TYR A 17 5.47 14.91 -0.07
N LEU A 18 4.22 14.60 -0.35
CA LEU A 18 3.78 13.20 -0.43
C LEU A 18 4.49 12.43 -1.54
N ILE A 19 4.67 13.08 -2.68
CA ILE A 19 5.39 12.44 -3.79
C ILE A 19 6.84 12.14 -3.37
N GLU A 20 7.52 13.11 -2.75
CA GLU A 20 8.91 12.89 -2.36
C GLU A 20 9.01 11.89 -1.23
N HIS A 21 8.00 11.81 -0.37
CA HIS A 21 7.99 10.88 0.77
C HIS A 21 7.82 9.47 0.27
N TYR A 22 6.84 9.26 -0.60
CA TYR A 22 6.47 7.91 -1.04
C TYR A 22 7.30 7.32 -2.19
N PHE A 23 7.90 8.18 -3.03
CA PHE A 23 8.77 7.73 -4.11
C PHE A 23 10.15 8.32 -3.83
N ASP A 24 10.96 7.53 -3.13
CA ASP A 24 12.24 7.98 -2.51
C ASP A 24 13.23 8.80 -3.32
N ASN A 25 13.45 8.40 -4.54
CA ASN A 25 14.43 9.11 -5.33
C ASN A 25 13.82 10.17 -6.23
N PHE A 26 12.52 10.43 -6.08
CA PHE A 26 11.86 11.39 -6.94
C PHE A 26 11.98 12.79 -6.40
N LYS A 27 12.52 13.72 -7.19
CA LYS A 27 12.69 15.12 -6.80
C LYS A 27 11.73 15.99 -7.57
N VAL A 28 10.88 16.73 -6.87
CA VAL A 28 9.93 17.61 -7.53
C VAL A 28 10.54 18.99 -7.72
N ASP A 29 10.85 19.36 -8.94
CA ASP A 29 11.35 20.71 -9.27
C ASP A 29 10.22 21.68 -9.60
N SER A 30 9.14 21.20 -10.20
CA SER A 30 7.96 22.06 -10.40
C SER A 30 6.71 21.21 -10.29
N ILE A 31 5.60 21.85 -9.91
CA ILE A 31 4.37 21.13 -9.73
C ILE A 31 3.19 22.06 -9.82
N GLU A 32 2.27 21.78 -10.72
CA GLU A 32 1.06 22.58 -10.83
C GLU A 32 -0.15 21.64 -11.04
N ILE A 33 -1.31 22.16 -10.70
CA ILE A 33 -2.57 21.50 -10.94
C ILE A 33 -2.95 21.56 -12.45
N ILE A 34 -3.26 20.40 -13.03
CA ILE A 34 -3.74 20.38 -14.43
C ILE A 34 -5.17 19.99 -14.54
N GLY A 35 -5.69 19.28 -13.55
CA GLY A 35 -7.06 18.89 -13.58
C GLY A 35 -7.58 18.44 -12.24
N SER A 36 -8.88 18.41 -12.08
CA SER A 36 -9.48 17.84 -10.87
C SER A 36 -10.95 17.42 -11.03
N GLY A 37 -11.29 16.21 -10.59
CA GLY A 37 -12.67 15.77 -10.37
C GLY A 37 -13.19 16.29 -9.04
N TYR A 38 -14.34 15.77 -8.63
CA TYR A 38 -14.90 16.16 -7.31
C TYR A 38 -14.17 15.41 -6.19
N ASP A 39 -13.44 14.35 -6.53
CA ASP A 39 -12.78 13.54 -5.48
C ASP A 39 -11.28 13.30 -5.74
N SER A 40 -10.71 13.98 -6.73
CA SER A 40 -9.36 13.72 -7.09
C SER A 40 -8.73 14.97 -7.65
N VAL A 41 -7.40 15.02 -7.62
CA VAL A 41 -6.68 16.10 -8.22
C VAL A 41 -5.53 15.55 -9.00
N ALA A 42 -5.26 16.16 -10.15
CA ALA A 42 -4.14 15.75 -10.98
C ALA A 42 -3.12 16.87 -11.13
N TYR A 43 -1.85 16.49 -11.15
CA TYR A 43 -0.74 17.42 -11.10
C TYR A 43 0.24 17.11 -12.22
N LEU A 44 0.77 18.17 -12.83
CA LEU A 44 1.86 18.09 -13.80
C LEU A 44 3.11 18.42 -13.04
N VAL A 45 4.02 17.45 -12.96
CA VAL A 45 5.25 17.54 -12.18
C VAL A 45 6.43 17.56 -13.14
N ASN A 46 7.35 18.52 -12.97
CA ASN A 46 8.58 18.62 -13.78
C ASN A 46 8.31 18.79 -15.28
N ASN A 47 7.15 19.34 -15.63
CA ASN A 47 6.69 19.47 -17.01
CA ASN A 47 6.69 19.47 -17.01
C ASN A 47 6.78 18.17 -17.82
N GLU A 48 6.73 17.05 -17.13
CA GLU A 48 7.04 15.73 -17.68
C GLU A 48 6.10 14.59 -17.17
N TYR A 49 5.72 14.59 -15.87
CA TYR A 49 4.90 13.53 -15.29
C TYR A 49 3.51 14.00 -14.90
N ILE A 50 2.49 13.18 -15.11
CA ILE A 50 1.20 13.37 -14.51
C ILE A 50 1.16 12.53 -13.25
N PHE A 51 0.68 13.14 -12.16
CA PHE A 51 0.40 12.42 -10.94
C PHE A 51 -1.08 12.63 -10.64
N LYS A 52 -1.85 11.54 -10.72
CA LYS A 52 -3.26 11.51 -10.33
C LYS A 52 -3.30 11.14 -8.86
N THR A 53 -4.11 11.81 -8.05
CA THR A 53 -4.15 11.50 -6.65
C THR A 53 -5.55 11.58 -6.11
N LYS A 54 -5.78 10.80 -5.08
CA LYS A 54 -7.08 10.70 -4.50
C LYS A 54 -6.90 10.43 -3.01
N PHE A 55 -7.72 11.01 -2.16
CA PHE A 55 -7.86 10.58 -0.77
C PHE A 55 -9.16 9.74 -0.53
N SER A 56 -9.15 8.43 -0.46
CA SER A 56 -10.48 7.72 -0.31
C SER A 56 -10.87 7.51 1.15
N TYR A 63 -7.37 3.65 -6.74
CA TYR A 63 -6.70 3.49 -8.02
C TYR A 63 -6.04 2.10 -8.38
N ALA A 64 -6.35 1.08 -7.62
CA ALA A 64 -5.82 -0.22 -7.91
C ALA A 64 -6.34 -0.79 -9.22
N LYS A 65 -7.66 -0.71 -9.49
CA LYS A 65 -8.20 -1.17 -10.77
C LYS A 65 -7.60 -0.44 -11.94
N GLU A 66 -7.46 0.86 -11.78
CA GLU A 66 -6.97 1.68 -12.88
C GLU A 66 -5.53 1.26 -13.24
N LYS A 67 -4.72 1.03 -12.20
CA LYS A 67 -3.38 0.50 -12.41
C LYS A 67 -3.37 -0.87 -13.14
N ALA A 68 -4.21 -1.79 -12.70
CA ALA A 68 -4.31 -3.12 -13.30
C ALA A 68 -4.70 -3.01 -14.78
N ILE A 69 -5.55 -2.07 -15.10
CA ILE A 69 -5.93 -1.85 -16.46
C ILE A 69 -4.81 -1.31 -17.32
N TYR A 70 -4.06 -0.32 -16.84
CA TYR A 70 -2.96 0.20 -17.63
C TYR A 70 -1.91 -0.91 -17.82
N ASN A 71 -1.69 -1.71 -16.79
CA ASN A 71 -0.68 -2.73 -16.87
C ASN A 71 -1.14 -3.81 -17.87
N PHE A 72 -2.42 -4.19 -17.82
CA PHE A 72 -3.00 -5.13 -18.79
C PHE A 72 -2.93 -4.59 -20.23
N LEU A 73 -3.25 -3.31 -20.42
CA LEU A 73 -3.27 -2.77 -21.78
C LEU A 73 -1.87 -2.56 -22.33
N ASN A 74 -0.92 -2.15 -21.51
CA ASN A 74 0.45 -1.87 -22.03
C ASN A 74 1.11 -3.19 -22.42
N THR A 75 0.73 -4.30 -21.79
CA THR A 75 1.13 -5.63 -22.26
C THR A 75 0.47 -6.05 -23.60
N ASN A 76 -0.83 -5.89 -23.73
CA ASN A 76 -1.62 -6.57 -24.76
C ASN A 76 -2.06 -5.75 -25.96
N LEU A 77 -2.14 -4.42 -25.83
CA LEU A 77 -2.60 -3.59 -26.95
C LEU A 77 -1.54 -3.48 -28.03
N GLU A 78 -1.97 -3.61 -29.29
CA GLU A 78 -1.11 -3.37 -30.44
C GLU A 78 -1.73 -2.10 -31.07
N THR A 79 -1.01 -0.99 -30.93
CA THR A 79 -1.52 0.29 -31.35
C THR A 79 -0.38 1.30 -31.25
N ASN A 80 -0.40 2.31 -32.09
CA ASN A 80 0.50 3.44 -31.96
C ASN A 80 -0.05 4.52 -31.09
N VAL A 81 -1.31 4.40 -30.65
CA VAL A 81 -1.95 5.41 -29.80
C VAL A 81 -1.39 5.21 -28.41
N LYS A 82 -0.91 6.30 -27.81
CA LYS A 82 -0.28 6.20 -26.49
C LYS A 82 -1.30 6.25 -25.36
N ILE A 83 -1.01 5.49 -24.31
CA ILE A 83 -1.83 5.50 -23.11
C ILE A 83 -0.96 5.64 -21.85
N PRO A 84 -1.55 5.99 -20.72
CA PRO A 84 -0.71 6.11 -19.50
C PRO A 84 0.04 4.78 -19.23
N ASN A 85 1.32 4.93 -18.92
CA ASN A 85 2.17 3.82 -18.57
C ASN A 85 2.69 4.08 -17.15
N ILE A 86 2.16 3.32 -16.21
CA ILE A 86 2.35 3.66 -14.81
C ILE A 86 3.77 3.34 -14.34
N GLU A 87 4.52 4.39 -13.97
CA GLU A 87 5.84 4.23 -13.38
C GLU A 87 5.85 4.34 -11.87
N TYR A 88 4.91 5.07 -11.28
CA TYR A 88 4.88 5.26 -9.83
C TYR A 88 3.49 4.98 -9.30
N SER A 89 3.41 4.17 -8.26
CA SER A 89 2.11 3.93 -7.68
C SER A 89 2.26 3.79 -6.19
N TYR A 90 1.37 4.43 -5.44
CA TYR A 90 1.14 4.17 -4.02
C TYR A 90 -0.35 4.03 -3.82
N ILE A 91 -0.76 2.96 -3.21
CA ILE A 91 -2.17 2.64 -3.02
C ILE A 91 -2.44 2.18 -1.65
N SER A 92 -3.29 2.89 -0.93
CA SER A 92 -3.69 2.59 0.44
C SER A 92 -5.14 3.00 0.60
N ASP A 93 -5.74 2.63 1.70
CA ASP A 93 -7.16 2.95 1.97
C ASP A 93 -7.37 4.47 1.94
N GLU A 94 -6.47 5.25 2.56
CA GLU A 94 -6.69 6.69 2.70
C GLU A 94 -6.06 7.55 1.60
N LEU A 95 -5.14 6.99 0.81
CA LEU A 95 -4.43 7.74 -0.23
C LEU A 95 -4.00 6.89 -1.38
N SER A 96 -4.18 7.37 -2.61
CA SER A 96 -3.71 6.68 -3.82
C SER A 96 -3.12 7.69 -4.78
N ILE A 97 -2.00 7.32 -5.36
CA ILE A 97 -1.27 8.15 -6.25
C ILE A 97 -0.81 7.25 -7.41
N LEU A 98 -1.02 7.72 -8.65
CA LEU A 98 -0.47 7.12 -9.85
C LEU A 98 0.33 8.15 -10.58
N GLY A 99 1.52 7.77 -10.99
CA GLY A 99 2.33 8.65 -11.79
C GLY A 99 2.82 7.98 -13.06
N TYR A 100 2.81 8.78 -14.13
CA TYR A 100 3.18 8.30 -15.44
C TYR A 100 3.61 9.50 -16.26
N LYS A 101 4.32 9.24 -17.37
CA LYS A 101 4.74 10.32 -18.23
C LYS A 101 3.59 10.94 -19.01
N GLU A 102 3.48 12.26 -18.98
CA GLU A 102 2.46 13.02 -19.67
C GLU A 102 2.48 12.64 -21.13
N ILE A 103 1.32 12.33 -21.70
CA ILE A 103 1.20 12.15 -23.11
C ILE A 103 1.01 13.52 -23.70
N LYS A 104 1.84 13.85 -24.70
CA LYS A 104 1.84 15.16 -25.32
C LYS A 104 0.87 15.20 -26.45
N GLY A 105 0.21 16.33 -26.59
CA GLY A 105 -0.85 16.48 -27.59
C GLY A 105 -1.82 17.57 -27.18
N THR A 106 -2.86 17.76 -27.97
CA THR A 106 -3.90 18.74 -27.72
C THR A 106 -5.22 17.99 -27.63
N PHE A 107 -6.04 18.34 -26.63
CA PHE A 107 -7.28 17.63 -26.43
C PHE A 107 -8.28 17.99 -27.49
N LEU A 108 -9.00 16.98 -27.97
CA LEU A 108 -10.05 17.19 -28.95
C LEU A 108 -11.20 17.99 -28.35
N THR A 109 -11.68 18.95 -29.11
CA THR A 109 -12.85 19.72 -28.72
C THR A 109 -13.71 19.93 -29.95
N PRO A 110 -14.96 20.33 -29.75
CA PRO A 110 -15.82 20.75 -30.87
C PRO A 110 -15.21 21.82 -31.76
N GLU A 111 -14.58 22.81 -31.13
CA GLU A 111 -14.07 23.98 -31.86
C GLU A 111 -12.94 23.54 -32.78
N ILE A 112 -12.07 22.63 -32.31
CA ILE A 112 -10.98 22.15 -33.13
C ILE A 112 -11.53 21.31 -34.29
N TYR A 113 -12.51 20.45 -33.98
CA TYR A 113 -13.07 19.59 -34.99
C TYR A 113 -13.70 20.37 -36.15
N SER A 114 -14.41 21.45 -35.84
CA SER A 114 -15.06 22.24 -36.90
C SER A 114 -14.04 22.94 -37.83
N THR A 115 -12.82 23.18 -37.37
CA THR A 115 -11.75 23.74 -38.24
C THR A 115 -10.99 22.68 -39.08
N MET A 116 -11.24 21.39 -38.85
CA MET A 116 -10.56 20.35 -39.62
C MET A 116 -11.25 20.18 -40.97
N SER A 117 -10.49 19.86 -42.00
CA SER A 117 -11.05 19.53 -43.32
C SER A 117 -11.90 18.26 -43.23
N GLU A 118 -12.78 18.03 -44.18
CA GLU A 118 -13.55 16.79 -44.27
C GLU A 118 -12.62 15.55 -44.15
N GLU A 119 -11.53 15.59 -44.89
CA GLU A 119 -10.55 14.48 -44.87
C GLU A 119 -9.88 14.33 -43.48
N GLU A 120 -9.36 15.42 -42.90
CA GLU A 120 -8.85 15.38 -41.55
C GLU A 120 -9.84 14.78 -40.54
N GLN A 121 -11.09 15.17 -40.62
CA GLN A 121 -12.12 14.60 -39.78
C GLN A 121 -12.31 13.09 -39.98
N ASN A 122 -12.43 12.69 -41.26
CA ASN A 122 -12.53 11.28 -41.57
C ASN A 122 -11.36 10.48 -40.98
N LEU A 123 -10.14 10.99 -41.09
CA LEU A 123 -8.97 10.22 -40.59
C LEU A 123 -9.04 10.07 -39.05
N LEU A 124 -9.44 11.15 -38.35
CA LEU A 124 -9.63 11.09 -36.94
C LEU A 124 -10.69 10.04 -36.55
N LYS A 125 -11.82 10.06 -37.27
CA LYS A 125 -12.86 9.09 -36.99
C LYS A 125 -12.36 7.68 -37.22
N ARG A 126 -11.60 7.46 -38.27
CA ARG A 126 -11.06 6.14 -38.56
C ARG A 126 -10.09 5.74 -37.46
N ASP A 127 -9.26 6.67 -36.99
CA ASP A 127 -8.33 6.37 -35.92
C ASP A 127 -9.06 5.89 -34.64
N ILE A 128 -10.12 6.60 -34.31
CA ILE A 128 -10.95 6.25 -33.18
C ILE A 128 -11.59 4.87 -33.36
N ALA A 129 -12.22 4.67 -34.49
CA ALA A 129 -12.88 3.40 -34.72
C ALA A 129 -11.87 2.29 -34.62
N SER A 130 -10.69 2.53 -35.14
CA SER A 130 -9.63 1.54 -35.15
C SER A 130 -9.10 1.21 -33.71
N PHE A 131 -8.91 2.23 -32.90
CA PHE A 131 -8.53 2.04 -31.52
C PHE A 131 -9.59 1.20 -30.79
N LEU A 132 -10.85 1.62 -30.90
CA LEU A 132 -11.93 0.88 -30.23
C LEU A 132 -11.99 -0.56 -30.72
N ARG A 133 -11.78 -0.78 -32.00
CA ARG A 133 -11.90 -2.12 -32.57
CA ARG A 133 -11.90 -2.12 -32.57
C ARG A 133 -10.80 -2.97 -31.92
N GLN A 134 -9.62 -2.40 -31.80
CA GLN A 134 -8.53 -3.14 -31.22
C GLN A 134 -8.74 -3.42 -29.70
N MET A 135 -9.21 -2.43 -28.96
CA MET A 135 -9.41 -2.63 -27.54
C MET A 135 -10.57 -3.62 -27.29
N HIS A 136 -11.68 -3.43 -27.98
CA HIS A 136 -12.86 -4.30 -27.79
C HIS A 136 -12.60 -5.72 -28.22
N GLY A 137 -11.61 -5.90 -29.10
CA GLY A 137 -11.21 -7.22 -29.52
C GLY A 137 -10.28 -7.96 -28.62
N LEU A 138 -9.79 -7.39 -27.51
CA LEU A 138 -8.85 -8.11 -26.69
C LEU A 138 -9.45 -9.28 -25.96
N ASP A 139 -8.71 -10.38 -25.89
CA ASP A 139 -9.00 -11.43 -24.95
C ASP A 139 -8.78 -10.78 -23.58
N TYR A 140 -9.87 -10.68 -22.82
CA TYR A 140 -9.89 -10.02 -21.53
C TYR A 140 -9.79 -10.99 -20.32
N THR A 141 -9.41 -12.27 -20.56
CA THR A 141 -9.28 -13.27 -19.50
C THR A 141 -8.41 -12.77 -18.33
N ASP A 142 -7.27 -12.16 -18.67
CA ASP A 142 -6.32 -11.67 -17.67
C ASP A 142 -6.78 -10.45 -16.84
N ILE A 143 -7.88 -9.80 -17.22
CA ILE A 143 -8.49 -8.74 -16.43
C ILE A 143 -9.96 -9.11 -16.13
N SER A 144 -10.25 -10.40 -15.96
CA SER A 144 -11.65 -10.84 -15.90
C SER A 144 -12.38 -10.39 -14.65
N GLU A 145 -11.63 -10.07 -13.59
CA GLU A 145 -12.13 -9.44 -12.35
C GLU A 145 -12.84 -8.07 -12.56
N CYS A 146 -12.52 -7.41 -13.68
CA CYS A 146 -13.00 -6.05 -13.93
C CYS A 146 -14.31 -6.03 -14.69
N THR A 147 -15.25 -6.93 -14.41
CA THR A 147 -16.58 -6.90 -15.07
C THR A 147 -17.46 -5.84 -14.46
N ILE A 148 -18.39 -5.33 -15.24
CA ILE A 148 -19.31 -4.29 -14.78
C ILE A 148 -20.63 -4.59 -15.44
N ASP A 149 -21.69 -4.72 -14.67
CA ASP A 149 -23.04 -4.98 -15.14
C ASP A 149 -23.85 -3.71 -14.87
N ASN A 150 -24.07 -2.88 -15.91
CA ASN A 150 -24.73 -1.62 -15.69
C ASN A 150 -26.18 -1.78 -15.25
N LYS A 151 -26.87 -2.77 -15.78
CA LYS A 151 -28.28 -2.92 -15.41
C LYS A 151 -28.44 -3.25 -13.94
N GLN A 152 -27.61 -4.20 -13.49
CA GLN A 152 -27.64 -4.62 -12.11
C GLN A 152 -27.17 -3.52 -11.17
N ASN A 153 -26.20 -2.72 -11.59
CA ASN A 153 -25.77 -1.55 -10.79
C ASN A 153 -26.93 -0.55 -10.63
N VAL A 154 -27.69 -0.31 -11.69
CA VAL A 154 -28.88 0.53 -11.58
C VAL A 154 -29.90 -0.07 -10.63
N LEU A 155 -30.20 -1.36 -10.75
CA LEU A 155 -31.16 -1.93 -9.84
CA LEU A 155 -31.17 -1.94 -9.83
C LEU A 155 -30.71 -1.73 -8.37
N GLU A 156 -29.43 -1.93 -8.09
CA GLU A 156 -28.89 -1.73 -6.75
C GLU A 156 -28.94 -0.28 -6.28
N GLU A 157 -28.67 0.65 -7.17
CA GLU A 157 -28.82 2.05 -6.85
C GLU A 157 -30.25 2.39 -6.59
N TYR A 158 -31.18 1.77 -7.31
CA TYR A 158 -32.61 2.04 -7.10
C TYR A 158 -33.01 1.54 -5.73
N ILE A 159 -32.49 0.40 -5.32
CA ILE A 159 -32.83 -0.09 -4.00
C ILE A 159 -32.35 0.88 -2.90
N LEU A 160 -31.13 1.38 -3.07
CA LEU A 160 -30.58 2.34 -2.14
C LEU A 160 -31.46 3.59 -2.08
N LEU A 161 -31.96 4.08 -3.24
CA LEU A 161 -32.99 5.16 -3.24
C LEU A 161 -34.15 4.82 -2.41
N ARG A 162 -34.70 3.62 -2.59
CA ARG A 162 -35.91 3.23 -1.88
C ARG A 162 -35.64 3.16 -0.39
N GLU A 163 -34.44 2.70 -0.01
CA GLU A 163 -34.05 2.64 1.41
C GLU A 163 -33.73 4.01 2.10
N THR A 164 -33.56 5.08 1.32
CA THR A 164 -33.12 6.37 1.85
C THR A 164 -34.16 7.43 1.52
N ILE A 165 -34.01 8.14 0.42
CA ILE A 165 -34.78 9.36 0.21
C ILE A 165 -36.03 9.30 -0.66
N TYR A 166 -36.30 8.14 -1.25
CA TYR A 166 -37.34 8.05 -2.29
C TYR A 166 -38.69 8.53 -1.78
N ASN A 167 -39.05 8.13 -0.56
CA ASN A 167 -40.36 8.50 -0.03
C ASN A 167 -40.57 9.99 0.16
N ASP A 168 -39.50 10.76 0.34
CA ASP A 168 -39.60 12.22 0.39
C ASP A 168 -39.49 12.92 -0.94
N LEU A 169 -39.45 12.23 -2.06
CA LEU A 169 -39.32 12.92 -3.35
C LEU A 169 -40.72 13.40 -3.74
N THR A 170 -40.80 14.37 -4.64
CA THR A 170 -42.09 14.77 -5.18
C THR A 170 -42.62 13.68 -6.14
N ASP A 171 -43.89 13.80 -6.48
CA ASP A 171 -44.52 12.91 -7.40
C ASP A 171 -43.87 13.01 -8.78
N ILE A 172 -43.55 14.23 -9.23
CA ILE A 172 -42.88 14.40 -10.51
C ILE A 172 -41.55 13.67 -10.53
N GLU A 173 -40.84 13.74 -9.43
CA GLU A 173 -39.52 13.08 -9.30
C GLU A 173 -39.68 11.56 -9.31
N LYS A 174 -40.62 11.08 -8.52
CA LYS A 174 -40.93 9.67 -8.53
C LYS A 174 -41.39 9.16 -9.90
N ASP A 175 -42.24 9.90 -10.59
CA ASP A 175 -42.67 9.47 -11.92
C ASP A 175 -41.46 9.36 -12.86
N TYR A 176 -40.53 10.31 -12.81
CA TYR A 176 -39.36 10.24 -13.66
C TYR A 176 -38.57 8.98 -13.40
N ILE A 177 -38.35 8.66 -12.14
CA ILE A 177 -37.57 7.49 -11.78
C ILE A 177 -38.34 6.20 -12.20
N GLU A 178 -39.62 6.13 -11.93
CA GLU A 178 -40.42 4.94 -12.30
C GLU A 178 -40.54 4.74 -13.76
N SER A 179 -40.53 5.83 -14.44
CA SER A 179 -40.69 5.77 -15.88
C SER A 179 -39.34 5.26 -16.48
N PHE A 180 -38.22 5.71 -15.91
CA PHE A 180 -36.94 5.17 -16.25
C PHE A 180 -36.83 3.66 -15.97
N MET A 181 -37.27 3.24 -14.81
CA MET A 181 -37.19 1.82 -14.43
C MET A 181 -38.08 0.98 -15.35
N GLU A 182 -39.21 1.51 -15.79
CA GLU A 182 -40.06 0.79 -16.76
C GLU A 182 -39.28 0.58 -18.08
N ARG A 183 -38.59 1.60 -18.50
CA ARG A 183 -37.78 1.51 -19.69
C ARG A 183 -36.60 0.54 -19.53
N LEU A 184 -35.96 0.54 -18.38
CA LEU A 184 -34.87 -0.38 -18.11
C LEU A 184 -35.30 -1.83 -18.18
N ASN A 185 -36.51 -2.07 -17.75
CA ASN A 185 -37.02 -3.40 -17.66
C ASN A 185 -37.40 -3.93 -19.06
N ALA A 186 -37.85 -3.02 -19.93
CA ALA A 186 -38.29 -3.36 -21.30
C ALA A 186 -37.13 -3.42 -22.29
N THR A 187 -36.02 -2.74 -22.04
CA THR A 187 -34.97 -2.64 -23.03
C THR A 187 -34.24 -3.96 -23.24
N THR A 188 -33.66 -4.13 -24.43
CA THR A 188 -32.81 -5.27 -24.71
C THR A 188 -31.36 -4.88 -24.79
N VAL A 189 -31.03 -3.61 -24.66
CA VAL A 189 -29.68 -3.16 -24.98
C VAL A 189 -28.57 -3.65 -24.06
N PHE A 190 -28.91 -4.26 -22.92
CA PHE A 190 -27.87 -4.86 -22.02
C PHE A 190 -27.58 -6.31 -22.33
N GLU A 191 -28.18 -6.87 -23.38
CA GLU A 191 -28.11 -8.31 -23.63
C GLU A 191 -27.17 -8.66 -24.78
N GLY A 192 -26.29 -7.74 -25.17
CA GLY A 192 -25.42 -7.94 -26.33
C GLY A 192 -23.98 -8.29 -25.95
N LYS A 193 -23.09 -8.10 -26.90
CA LYS A 193 -21.68 -8.36 -26.71
C LYS A 193 -21.11 -7.53 -25.53
N LYS A 194 -20.38 -8.23 -24.65
CA LYS A 194 -19.54 -7.67 -23.63
C LYS A 194 -18.08 -7.68 -24.09
N CYS A 195 -17.34 -6.65 -23.73
CA CYS A 195 -15.92 -6.55 -24.02
C CYS A 195 -15.28 -5.49 -23.14
N LEU A 196 -13.98 -5.34 -23.23
CA LEU A 196 -13.24 -4.36 -22.48
C LEU A 196 -13.45 -3.00 -23.07
N CYS A 197 -14.03 -2.09 -22.33
CA CYS A 197 -14.31 -0.72 -22.80
C CYS A 197 -13.59 0.27 -21.94
N HIS A 198 -13.24 1.38 -22.57
CA HIS A 198 -12.67 2.52 -21.87
C HIS A 198 -13.62 2.99 -20.82
N ASN A 199 -14.88 3.12 -21.23
CA ASN A 199 -16.06 3.44 -20.40
C ASN A 199 -16.11 4.84 -19.93
N ASP A 200 -15.30 5.76 -20.48
CA ASP A 200 -15.54 7.22 -20.29
C ASP A 200 -14.95 7.96 -21.48
N PHE A 201 -15.34 7.52 -22.66
CA PHE A 201 -14.65 7.81 -23.92
C PHE A 201 -15.19 9.07 -24.56
N SER A 202 -14.87 10.19 -23.97
CA SER A 202 -15.39 11.49 -24.35
C SER A 202 -14.25 12.25 -24.93
N CYS A 203 -14.50 13.36 -25.59
CA CYS A 203 -13.39 13.97 -26.30
C CYS A 203 -12.39 14.71 -25.44
N ASN A 204 -12.73 15.05 -24.20
CA ASN A 204 -11.74 15.54 -23.22
C ASN A 204 -10.72 14.46 -22.73
N HIS A 205 -10.82 13.22 -23.21
CA HIS A 205 -9.78 12.23 -22.98
C HIS A 205 -9.04 11.81 -24.25
N LEU A 206 -9.26 12.49 -25.35
CA LEU A 206 -8.59 12.13 -26.60
C LEU A 206 -7.61 13.20 -27.00
N LEU A 207 -6.37 12.78 -27.27
CA LEU A 207 -5.28 13.69 -27.60
C LEU A 207 -4.94 13.61 -29.07
N LEU A 208 -4.79 14.79 -29.69
CA LEU A 208 -4.35 14.95 -31.08
C LEU A 208 -2.92 15.41 -31.17
N ASP A 209 -2.22 14.94 -32.22
CA ASP A 209 -0.88 15.43 -32.57
C ASP A 209 -0.97 16.67 -33.48
N GLY A 210 0.15 17.20 -33.98
CA GLY A 210 0.17 18.39 -34.83
C GLY A 210 -0.56 18.33 -36.19
N ASN A 211 -0.88 17.11 -36.65
CA ASN A 211 -1.71 16.85 -37.84
C ASN A 211 -3.17 16.50 -37.53
N ASN A 212 -3.63 16.81 -36.31
CA ASN A 212 -4.96 16.48 -35.85
C ASN A 212 -5.32 14.97 -35.95
N ARG A 213 -4.34 14.11 -35.75
CA ARG A 213 -4.58 12.67 -35.70
C ARG A 213 -4.54 12.22 -34.28
N LEU A 214 -5.21 11.13 -33.99
CA LEU A 214 -5.32 10.63 -32.63
C LEU A 214 -3.98 10.15 -32.24
N THR A 215 -3.41 10.72 -31.17
CA THR A 215 -2.10 10.33 -30.72
C THR A 215 -2.10 9.69 -29.33
N GLY A 216 -3.11 10.02 -28.50
CA GLY A 216 -3.17 9.45 -27.18
C GLY A 216 -4.56 9.43 -26.63
N ILE A 217 -4.75 8.55 -25.64
CA ILE A 217 -5.97 8.43 -24.89
C ILE A 217 -5.64 8.27 -23.42
N ILE A 218 -6.38 8.97 -22.56
CA ILE A 218 -6.16 8.94 -21.15
C ILE A 218 -7.41 8.53 -20.42
N ASP A 219 -7.22 8.36 -19.14
CA ASP A 219 -8.28 8.14 -18.15
C ASP A 219 -9.07 6.91 -18.42
N PHE A 220 -8.43 5.77 -18.22
CA PHE A 220 -9.08 4.49 -18.25
C PHE A 220 -9.56 4.13 -16.83
N GLY A 221 -9.74 5.13 -15.95
CA GLY A 221 -10.21 4.85 -14.61
C GLY A 221 -11.60 4.19 -14.44
N ASP A 222 -12.45 4.17 -15.44
CA ASP A 222 -13.71 3.49 -15.30
C ASP A 222 -13.77 2.26 -16.17
N SER A 223 -12.63 1.87 -16.76
CA SER A 223 -12.63 0.77 -17.72
C SER A 223 -12.99 -0.56 -17.10
N GLY A 224 -13.57 -1.41 -17.92
CA GLY A 224 -13.98 -2.73 -17.51
C GLY A 224 -14.68 -3.50 -18.61
N ILE A 225 -15.09 -4.70 -18.31
CA ILE A 225 -15.72 -5.58 -19.23
C ILE A 225 -17.17 -5.28 -19.06
N ILE A 226 -17.77 -4.77 -20.12
CA ILE A 226 -19.07 -4.15 -20.10
C ILE A 226 -19.63 -4.17 -21.50
N ASP A 227 -20.87 -3.73 -21.69
CA ASP A 227 -21.46 -3.68 -23.03
C ASP A 227 -20.61 -2.90 -24.03
N GLU A 228 -20.35 -3.55 -25.16
CA GLU A 228 -19.76 -2.91 -26.32
C GLU A 228 -20.31 -1.50 -26.62
N TYR A 229 -21.64 -1.32 -26.47
CA TYR A 229 -22.25 -0.02 -26.72
C TYR A 229 -21.70 1.16 -25.84
N CYS A 230 -21.11 0.83 -24.70
CA CYS A 230 -20.63 1.83 -23.69
C CYS A 230 -19.68 2.81 -24.27
N ASP A 231 -18.76 2.36 -25.12
CA ASP A 231 -17.76 3.28 -25.64
C ASP A 231 -18.27 4.22 -26.70
N PHE A 232 -19.56 4.16 -27.03
CA PHE A 232 -20.10 5.10 -28.00
C PHE A 232 -21.03 6.12 -27.37
N ILE A 233 -21.23 6.05 -26.06
CA ILE A 233 -22.21 6.96 -25.47
C ILE A 233 -21.84 8.45 -25.58
N TYR A 234 -20.56 8.79 -25.51
CA TYR A 234 -20.21 10.21 -25.62
C TYR A 234 -19.96 10.64 -27.06
N LEU A 235 -19.45 9.71 -27.85
CA LEU A 235 -19.33 9.93 -29.30
C LEU A 235 -20.69 10.21 -29.89
N LEU A 236 -21.77 9.62 -29.39
CA LEU A 236 -23.11 9.93 -29.85
C LEU A 236 -23.80 11.15 -29.26
N GLU A 237 -23.21 11.77 -28.23
CA GLU A 237 -23.93 12.76 -27.40
C GLU A 237 -24.08 14.08 -28.11
N ASP A 238 -25.25 14.66 -27.93
CA ASP A 238 -25.54 15.96 -28.49
C ASP A 238 -25.44 16.94 -27.31
N SER A 239 -24.35 17.72 -27.25
CA SER A 239 -24.06 18.65 -26.15
C SER A 239 -22.91 19.60 -26.53
N GLU A 240 -22.75 20.66 -25.77
CA GLU A 240 -21.63 21.57 -25.95
C GLU A 240 -20.25 20.94 -25.73
N GLU A 241 -20.14 19.96 -24.84
CA GLU A 241 -18.85 19.31 -24.57
C GLU A 241 -18.38 18.33 -25.66
N GLU A 242 -19.34 17.76 -26.39
CA GLU A 242 -19.04 16.73 -27.37
C GLU A 242 -19.30 17.23 -28.79
N ILE A 243 -18.81 16.47 -29.76
CA ILE A 243 -18.82 16.86 -31.13
C ILE A 243 -20.16 16.78 -31.78
N GLY A 244 -20.87 15.66 -31.61
CA GLY A 244 -22.20 15.49 -32.18
C GLY A 244 -22.58 14.08 -32.61
N THR A 245 -23.87 13.83 -32.64
CA THR A 245 -24.42 12.56 -33.15
C THR A 245 -23.79 12.03 -34.46
N ASN A 246 -23.55 12.92 -35.42
CA ASN A 246 -23.00 12.49 -36.71
C ASN A 246 -21.61 11.94 -36.62
N PHE A 247 -20.81 12.54 -35.73
CA PHE A 247 -19.49 12.03 -35.36
C PHE A 247 -19.60 10.59 -34.87
N GLY A 248 -20.49 10.36 -33.93
CA GLY A 248 -20.65 9.01 -33.37
C GLY A 248 -21.20 8.01 -34.38
N GLU A 249 -22.15 8.45 -35.18
CA GLU A 249 -22.72 7.60 -36.21
C GLU A 249 -21.67 7.12 -37.23
N ASP A 250 -20.82 8.05 -37.70
CA ASP A 250 -19.85 7.68 -38.74
C ASP A 250 -18.80 6.76 -38.15
N ILE A 251 -18.44 7.02 -36.89
CA ILE A 251 -17.52 6.18 -36.19
C ILE A 251 -18.10 4.78 -36.05
N LEU A 252 -19.39 4.71 -35.77
CA LEU A 252 -20.05 3.43 -35.68
C LEU A 252 -20.02 2.70 -37.03
N ARG A 253 -20.21 3.43 -38.12
CA ARG A 253 -20.15 2.79 -39.44
C ARG A 253 -18.79 2.25 -39.71
N MET A 254 -17.77 3.04 -39.42
CA MET A 254 -16.38 2.63 -39.63
C MET A 254 -16.02 1.47 -38.75
N TYR A 255 -16.51 1.43 -37.53
CA TYR A 255 -16.18 0.35 -36.59
C TYR A 255 -16.80 -0.96 -37.09
N GLY A 256 -18.05 -0.90 -37.58
CA GLY A 256 -18.74 -2.04 -38.16
C GLY A 256 -19.30 -3.09 -37.24
N ASN A 257 -20.17 -3.94 -37.75
CA ASN A 257 -20.75 -5.06 -37.00
C ASN A 257 -21.28 -4.61 -35.68
N ILE A 258 -22.15 -3.61 -35.72
CA ILE A 258 -22.77 -3.14 -34.50
C ILE A 258 -24.07 -2.44 -34.83
N ASP A 259 -25.11 -2.78 -34.10
CA ASP A 259 -26.45 -2.27 -34.37
C ASP A 259 -26.50 -0.80 -33.88
N ILE A 260 -26.55 0.11 -34.84
CA ILE A 260 -26.50 1.54 -34.57
C ILE A 260 -27.69 2.04 -33.80
N GLU A 261 -28.87 1.49 -34.08
CA GLU A 261 -30.07 1.92 -33.36
C GLU A 261 -29.99 1.56 -31.89
N LYS A 262 -29.47 0.37 -31.58
CA LYS A 262 -29.31 -0.03 -30.21
C LYS A 262 -28.20 0.74 -29.49
N ALA A 263 -27.08 1.03 -30.17
CA ALA A 263 -26.15 1.99 -29.60
C ALA A 263 -26.81 3.29 -29.22
N LYS A 264 -27.69 3.81 -30.06
CA LYS A 264 -28.37 5.03 -29.74
C LYS A 264 -29.33 4.87 -28.61
N GLU A 265 -30.04 3.74 -28.57
CA GLU A 265 -30.96 3.46 -27.47
C GLU A 265 -30.18 3.43 -26.15
N TYR A 266 -29.06 2.70 -26.12
CA TYR A 266 -28.20 2.62 -24.98
C TYR A 266 -27.81 4.01 -24.54
N GLN A 267 -27.30 4.81 -25.46
CA GLN A 267 -26.92 6.15 -25.10
C GLN A 267 -28.09 6.96 -24.51
N ASP A 268 -29.27 6.78 -25.10
CA ASP A 268 -30.43 7.53 -24.66
C ASP A 268 -30.89 7.13 -23.25
N ILE A 269 -30.81 5.82 -22.95
CA ILE A 269 -31.13 5.33 -21.63
C ILE A 269 -30.15 5.90 -20.58
N VAL A 270 -28.86 5.85 -20.85
CA VAL A 270 -27.86 6.39 -19.94
C VAL A 270 -28.07 7.86 -19.77
N GLU A 271 -28.43 8.58 -20.82
CA GLU A 271 -28.69 10.01 -20.70
C GLU A 271 -29.92 10.22 -19.78
N GLU A 272 -30.96 9.37 -19.91
CA GLU A 272 -32.13 9.53 -19.07
C GLU A 272 -31.78 9.30 -17.63
N TYR A 273 -30.83 8.42 -17.40
CA TYR A 273 -30.42 8.03 -16.08
C TYR A 273 -29.57 9.11 -15.33
N TYR A 274 -28.93 10.03 -16.07
CA TYR A 274 -27.97 10.96 -15.51
C TYR A 274 -28.45 11.69 -14.26
N PRO A 275 -29.65 12.25 -14.23
CA PRO A 275 -30.09 12.87 -12.98
C PRO A 275 -30.23 11.96 -11.78
N ILE A 276 -30.56 10.70 -12.02
CA ILE A 276 -30.73 9.75 -10.94
C ILE A 276 -29.34 9.37 -10.50
N GLU A 277 -28.41 9.22 -11.45
CA GLU A 277 -27.02 8.92 -11.14
C GLU A 277 -26.44 10.02 -10.25
N THR A 278 -26.82 11.26 -10.53
CA THR A 278 -26.38 12.40 -9.79
C THR A 278 -26.93 12.32 -8.36
N ILE A 279 -28.21 12.02 -8.20
CA ILE A 279 -28.83 11.88 -6.89
C ILE A 279 -28.16 10.77 -6.09
N VAL A 280 -27.95 9.65 -6.74
CA VAL A 280 -27.35 8.51 -6.05
C VAL A 280 -25.94 8.83 -5.56
N TYR A 281 -25.14 9.49 -6.38
CA TYR A 281 -23.81 9.94 -6.00
C TYR A 281 -23.90 10.81 -4.73
N GLY A 282 -24.90 11.70 -4.66
CA GLY A 282 -25.11 12.54 -3.51
C GLY A 282 -25.41 11.76 -2.23
N ILE A 283 -26.18 10.67 -2.33
CA ILE A 283 -26.56 9.85 -1.19
C ILE A 283 -25.31 9.12 -0.72
N LYS A 284 -24.65 8.46 -1.63
CA LYS A 284 -23.51 7.61 -1.29
C LYS A 284 -22.34 8.37 -0.69
N ASN A 285 -22.14 9.61 -1.10
CA ASN A 285 -21.02 10.44 -0.67
C ASN A 285 -21.47 11.55 0.30
N ILE A 286 -22.68 11.40 0.82
CA ILE A 286 -23.26 12.37 1.75
C ILE A 286 -23.01 13.82 1.29
N LYS A 287 -23.33 14.13 0.01
CA LYS A 287 -23.22 15.49 -0.50
C LYS A 287 -24.61 15.98 -0.98
N GLN A 288 -25.32 16.66 -0.12
CA GLN A 288 -26.66 17.16 -0.42
C GLN A 288 -26.77 17.91 -1.74
N GLU A 289 -25.78 18.68 -2.14
CA GLU A 289 -25.91 19.54 -3.34
C GLU A 289 -26.11 18.71 -4.61
N PHE A 290 -25.55 17.50 -4.64
CA PHE A 290 -25.77 16.59 -5.74
C PHE A 290 -27.19 16.05 -5.77
N ILE A 291 -27.74 15.77 -4.59
CA ILE A 291 -29.13 15.34 -4.51
C ILE A 291 -30.00 16.46 -5.06
N GLU A 292 -29.77 17.69 -4.62
CA GLU A 292 -30.53 18.84 -5.07
C GLU A 292 -30.38 19.04 -6.57
N ASN A 293 -29.16 18.95 -7.11
CA ASN A 293 -28.93 19.16 -8.54
C ASN A 293 -29.62 18.14 -9.43
N GLY A 294 -29.62 16.89 -9.04
CA GLY A 294 -30.26 15.84 -9.82
C GLY A 294 -31.76 15.99 -9.84
N ARG A 295 -32.34 16.34 -8.70
CA ARG A 295 -33.77 16.58 -8.63
C ARG A 295 -34.16 17.77 -9.46
N LYS A 296 -33.37 18.83 -9.39
CA LYS A 296 -33.61 19.99 -10.22
C LYS A 296 -33.52 19.64 -11.71
N GLU A 297 -32.56 18.79 -12.06
CA GLU A 297 -32.41 18.36 -13.47
C GLU A 297 -33.65 17.58 -14.00
N ILE A 298 -34.28 16.82 -13.12
CA ILE A 298 -35.51 16.12 -13.43
C ILE A 298 -36.62 17.10 -13.86
N TYR A 299 -36.82 18.18 -13.08
CA TYR A 299 -37.78 19.23 -13.42
C TYR A 299 -37.43 19.89 -14.76
N LYS A 300 -36.14 20.17 -14.99
CA LYS A 300 -35.74 20.79 -16.25
C LYS A 300 -36.11 19.93 -17.44
N ARG A 301 -35.79 18.65 -17.35
CA ARG A 301 -36.13 17.70 -18.40
C ARG A 301 -37.62 17.45 -18.55
N THR A 302 -38.36 17.39 -17.44
CA THR A 302 -39.76 17.21 -17.48
C THR A 302 -40.45 18.39 -18.19
N TYR A 303 -39.95 19.62 -18.08
CA TYR A 303 -40.60 20.82 -18.68
C TYR A 303 -40.02 21.31 -20.01
N LYS A 304 -39.01 20.62 -20.60
CA LYS A 304 -38.46 21.02 -21.94
C LYS A 304 -39.55 20.65 -22.95
N ASP A 305 -39.96 21.58 -23.84
CA ASP A 305 -40.96 21.30 -24.94
C ASP A 305 -40.15 21.02 -26.19
N ASN B 8 -8.92 24.63 -1.29
CA ASN B 8 -9.52 24.96 0.04
C ASN B 8 -10.07 23.71 0.77
N ALA B 9 -11.07 23.03 0.18
CA ALA B 9 -11.49 21.66 0.61
C ALA B 9 -10.42 20.55 0.37
N THR B 10 -9.47 20.77 -0.56
CA THR B 10 -8.41 19.76 -0.85
C THR B 10 -7.13 19.94 -0.03
N ASN B 11 -6.78 21.19 0.34
CA ASN B 11 -5.59 21.45 1.21
C ASN B 11 -5.82 20.85 2.61
N VAL B 12 -7.07 20.95 3.03
CA VAL B 12 -7.55 20.38 4.26
C VAL B 12 -7.50 18.86 4.31
N LYS B 13 -7.81 18.20 3.20
CA LYS B 13 -7.75 16.73 3.10
C LYS B 13 -6.35 16.22 3.30
N ALA B 14 -5.39 16.85 2.63
CA ALA B 14 -3.99 16.45 2.77
C ALA B 14 -3.49 16.65 4.21
N MET B 15 -3.87 17.77 4.86
CA MET B 15 -3.42 17.99 6.23
C MET B 15 -4.11 17.01 7.20
N LYS B 16 -5.40 16.75 6.97
CA LYS B 16 -6.11 15.72 7.74
C LYS B 16 -5.37 14.40 7.65
N TYR B 17 -4.90 14.07 6.46
CA TYR B 17 -4.14 12.83 6.27
C TYR B 17 -2.83 12.81 7.02
N LEU B 18 -2.08 13.88 6.91
CA LEU B 18 -0.76 13.97 7.59
C LEU B 18 -0.90 13.93 9.10
N ILE B 19 -1.93 14.58 9.64
CA ILE B 19 -2.16 14.53 11.09
C ILE B 19 -2.44 13.11 11.54
N GLU B 20 -3.33 12.43 10.82
CA GLU B 20 -3.67 11.06 11.23
C GLU B 20 -2.50 10.12 11.00
N HIS B 21 -1.66 10.39 10.01
CA HIS B 21 -0.51 9.53 9.69
C HIS B 21 0.54 9.67 10.77
N TYR B 22 0.87 10.92 11.13
CA TYR B 22 1.97 11.21 12.05
C TYR B 22 1.63 11.09 13.54
N PHE B 23 0.37 11.30 13.92
CA PHE B 23 -0.07 11.17 15.31
C PHE B 23 -1.10 10.05 15.33
N ASP B 24 -0.65 8.83 15.52
CA ASP B 24 -1.46 7.63 15.06
C ASP B 24 -2.78 7.40 15.78
N ASN B 25 -2.97 7.80 17.03
CA ASN B 25 -4.27 7.63 17.60
C ASN B 25 -5.14 8.89 17.52
N PHE B 26 -4.69 9.90 16.80
CA PHE B 26 -5.43 11.13 16.67
C PHE B 26 -6.44 11.03 15.54
N LYS B 27 -7.72 11.29 15.84
CA LYS B 27 -8.79 11.27 14.86
C LYS B 27 -9.28 12.65 14.52
N VAL B 28 -9.23 13.02 13.25
CA VAL B 28 -9.71 14.34 12.80
C VAL B 28 -11.19 14.25 12.46
N ASP B 29 -12.05 14.83 13.27
CA ASP B 29 -13.49 14.91 12.96
C ASP B 29 -13.84 16.15 12.18
N SER B 30 -13.16 17.25 12.45
CA SER B 30 -13.33 18.47 11.64
C SER B 30 -11.99 19.20 11.56
N ILE B 31 -11.83 19.96 10.50
CA ILE B 31 -10.60 20.67 10.26
C ILE B 31 -10.86 21.83 9.31
N GLU B 32 -10.52 23.04 9.74
CA GLU B 32 -10.62 24.19 8.89
C GLU B 32 -9.35 25.04 9.06
N ILE B 33 -9.07 25.83 8.03
CA ILE B 33 -8.00 26.79 8.07
C ILE B 33 -8.40 28.01 8.94
N ILE B 34 -7.54 28.40 9.86
CA ILE B 34 -7.79 29.60 10.70
C ILE B 34 -6.87 30.71 10.41
N GLY B 35 -5.70 30.40 9.86
CA GLY B 35 -4.82 31.44 9.40
C GLY B 35 -3.71 30.85 8.54
N SER B 36 -3.07 31.75 7.80
CA SER B 36 -1.91 31.36 7.03
C SER B 36 -0.99 32.52 6.64
N GLY B 37 0.32 32.34 6.88
CA GLY B 37 1.36 33.20 6.33
C GLY B 37 1.67 32.76 4.90
N TYR B 38 2.73 33.31 4.33
CA TYR B 38 3.13 32.85 2.99
C TYR B 38 3.89 31.52 3.05
N ASP B 39 4.31 31.11 4.25
CA ASP B 39 5.12 29.92 4.46
C ASP B 39 4.48 28.81 5.33
N SER B 40 3.33 29.13 5.92
CA SER B 40 2.77 28.26 6.90
C SER B 40 1.26 28.32 6.84
N VAL B 41 0.63 27.26 7.33
CA VAL B 41 -0.80 27.25 7.45
C VAL B 41 -1.17 26.72 8.80
N ALA B 42 -2.16 27.35 9.41
CA ALA B 42 -2.64 26.91 10.70
C ALA B 42 -4.10 26.46 10.61
N TYR B 43 -4.43 25.42 11.36
CA TYR B 43 -5.68 24.73 11.27
C TYR B 43 -6.31 24.56 12.63
N LEU B 44 -7.63 24.77 12.69
CA LEU B 44 -8.41 24.45 13.89
C LEU B 44 -9.03 23.09 13.65
N VAL B 45 -8.65 22.12 14.49
CA VAL B 45 -9.03 20.74 14.37
C VAL B 45 -9.92 20.37 15.54
N ASN B 46 -11.09 19.75 15.27
CA ASN B 46 -12.03 19.29 16.30
C ASN B 46 -12.55 20.44 17.19
N ASN B 47 -12.57 21.65 16.66
CA ASN B 47 -12.93 22.85 17.42
C ASN B 47 -12.17 23.02 18.75
N GLU B 48 -10.99 22.42 18.83
CA GLU B 48 -10.26 22.24 20.07
C GLU B 48 -8.73 22.45 19.95
N TYR B 49 -8.12 21.96 18.86
CA TYR B 49 -6.66 22.02 18.68
C TYR B 49 -6.26 22.97 17.57
N ILE B 50 -5.17 23.71 17.80
CA ILE B 50 -4.48 24.41 16.72
C ILE B 50 -3.36 23.49 16.26
N PHE B 51 -3.26 23.34 14.94
CA PHE B 51 -2.14 22.66 14.33
C PHE B 51 -1.50 23.66 13.38
N LYS B 52 -0.27 24.09 13.73
CA LYS B 52 0.57 24.94 12.88
C LYS B 52 1.39 24.00 12.03
N THR B 53 1.54 24.31 10.75
CA THR B 53 2.29 23.45 9.88
C THR B 53 3.07 24.26 8.89
N LYS B 54 4.19 23.69 8.51
CA LYS B 54 5.11 24.36 7.65
C LYS B 54 5.78 23.28 6.79
N PHE B 55 6.00 23.54 5.51
CA PHE B 55 6.92 22.71 4.71
C PHE B 55 8.28 23.44 4.52
N SER B 56 9.38 23.10 5.19
CA SER B 56 10.66 23.81 4.85
C SER B 56 11.43 23.10 3.76
N GLY B 62 11.92 25.42 9.73
CA GLY B 62 11.50 24.45 10.78
C GLY B 62 11.11 24.94 12.20
N TYR B 63 10.16 24.25 12.84
CA TYR B 63 9.57 24.55 14.17
C TYR B 63 10.30 24.01 15.41
N ALA B 64 11.50 23.53 15.28
CA ALA B 64 12.24 23.02 16.43
C ALA B 64 12.51 24.07 17.49
N LYS B 65 12.98 25.28 17.12
CA LYS B 65 13.24 26.32 18.14
C LYS B 65 11.96 26.74 18.81
N GLU B 66 10.89 26.86 18.03
CA GLU B 66 9.63 27.33 18.56
C GLU B 66 9.14 26.33 19.61
N LYS B 67 9.27 25.03 19.31
CA LYS B 67 8.95 23.99 20.28
C LYS B 67 9.77 24.09 21.57
N ALA B 68 11.09 24.26 21.43
CA ALA B 68 11.99 24.38 22.58
C ALA B 68 11.60 25.57 23.43
N ILE B 69 11.16 26.64 22.81
CA ILE B 69 10.74 27.81 23.52
C ILE B 69 9.46 27.58 24.28
N TYR B 70 8.44 26.96 23.67
CA TYR B 70 7.20 26.72 24.42
C TYR B 70 7.51 25.78 25.60
N ASN B 71 8.36 24.80 25.37
CA ASN B 71 8.63 23.81 26.39
C ASN B 71 9.40 24.52 27.54
N PHE B 72 10.36 25.36 27.19
CA PHE B 72 11.09 26.17 28.18
C PHE B 72 10.21 27.14 28.94
N LEU B 73 9.27 27.80 28.27
CA LEU B 73 8.43 28.77 28.95
C LEU B 73 7.37 28.07 29.82
N ASN B 74 6.83 26.94 29.38
CA ASN B 74 5.77 26.28 30.17
C ASN B 74 6.37 25.71 31.45
N THR B 75 7.65 25.35 31.43
CA THR B 75 8.38 25.00 32.67
C THR B 75 8.60 26.23 33.63
N ASN B 76 9.08 27.34 33.12
CA ASN B 76 9.70 28.40 33.91
C ASN B 76 8.84 29.65 34.13
N LEU B 77 7.88 29.94 33.27
CA LEU B 77 6.98 31.08 33.49
C LEU B 77 5.97 30.83 34.58
N GLU B 78 5.80 31.79 35.44
CA GLU B 78 4.75 31.78 36.48
C GLU B 78 3.80 32.90 36.08
N THR B 79 2.65 32.56 35.51
CA THR B 79 1.77 33.57 34.96
C THR B 79 0.42 32.96 34.76
N ASN B 80 -0.64 33.77 34.84
CA ASN B 80 -1.95 33.29 34.44
C ASN B 80 -2.24 33.48 32.98
N VAL B 81 -1.34 34.13 32.24
CA VAL B 81 -1.50 34.34 30.82
C VAL B 81 -1.18 33.02 30.16
N LYS B 82 -2.07 32.53 29.30
CA LYS B 82 -1.86 31.22 28.67
C LYS B 82 -0.99 31.37 27.42
N ILE B 83 -0.17 30.36 27.18
CA ILE B 83 0.59 30.25 25.95
C ILE B 83 0.45 28.86 25.33
N PRO B 84 0.79 28.70 24.04
CA PRO B 84 0.73 27.34 23.48
C PRO B 84 1.47 26.32 24.33
N ASN B 85 0.82 25.21 24.60
CA ASN B 85 1.40 24.09 25.31
C ASN B 85 1.36 22.88 24.37
N ILE B 86 2.53 22.53 23.85
CA ILE B 86 2.65 21.62 22.76
C ILE B 86 2.36 20.19 23.19
N GLU B 87 1.28 19.59 22.66
CA GLU B 87 0.99 18.18 22.85
C GLU B 87 1.38 17.30 21.69
N TYR B 88 1.43 17.83 20.47
CA TYR B 88 1.78 17.03 19.29
C TYR B 88 2.86 17.74 18.49
N SER B 89 3.91 17.04 18.13
CA SER B 89 4.94 17.64 17.35
C SER B 89 5.48 16.58 16.41
N TYR B 90 5.68 16.97 15.14
CA TYR B 90 6.51 16.24 14.21
C TYR B 90 7.41 17.25 13.54
N ILE B 91 8.71 16.97 13.58
CA ILE B 91 9.69 17.88 13.08
C ILE B 91 10.69 17.15 12.22
N SER B 92 10.77 17.55 10.94
CA SER B 92 11.70 17.01 9.99
C SER B 92 12.14 18.14 9.07
N ASP B 93 13.13 17.86 8.24
CA ASP B 93 13.66 18.85 7.31
C ASP B 93 12.56 19.39 6.39
N GLU B 94 11.69 18.52 5.87
CA GLU B 94 10.72 18.91 4.84
CA GLU B 94 10.73 18.89 4.85
C GLU B 94 9.34 19.28 5.41
N LEU B 95 9.05 18.94 6.67
CA LEU B 95 7.74 19.17 7.25
C LEU B 95 7.80 19.32 8.76
N SER B 96 7.08 20.30 9.30
CA SER B 96 6.93 20.47 10.73
C SER B 96 5.49 20.78 11.09
N ILE B 97 5.04 20.14 12.14
CA ILE B 97 3.72 20.28 12.65
C ILE B 97 3.81 20.43 14.17
N LEU B 98 3.13 21.44 14.72
CA LEU B 98 2.94 21.61 16.16
C LEU B 98 1.47 21.64 16.42
N GLY B 99 1.03 20.88 17.40
CA GLY B 99 -0.36 20.89 17.82
C GLY B 99 -0.47 21.16 19.31
N TYR B 100 -1.44 22.00 19.66
CA TYR B 100 -1.70 22.39 21.03
C TYR B 100 -3.14 22.80 21.13
N LYS B 101 -3.66 22.86 22.35
CA LYS B 101 -5.06 23.26 22.54
C LYS B 101 -5.22 24.75 22.29
N GLU B 102 -6.23 25.10 21.48
CA GLU B 102 -6.58 26.49 21.17
C GLU B 102 -6.75 27.26 22.46
N ILE B 103 -6.12 28.41 22.55
CA ILE B 103 -6.37 29.34 23.61
C ILE B 103 -7.58 30.13 23.22
N LYS B 104 -8.61 30.15 24.06
CA LYS B 104 -9.85 30.86 23.76
C LYS B 104 -9.77 32.31 24.18
N GLY B 105 -10.35 33.16 23.36
CA GLY B 105 -10.31 34.58 23.56
C GLY B 105 -10.58 35.29 22.25
N THR B 106 -10.49 36.61 22.28
CA THR B 106 -10.66 37.49 21.14
C THR B 106 -9.38 38.29 21.00
N PHE B 107 -8.91 38.42 19.77
CA PHE B 107 -7.66 39.10 19.50
C PHE B 107 -7.82 40.59 19.70
N LEU B 108 -6.82 41.20 20.32
CA LEU B 108 -6.78 42.63 20.51
C LEU B 108 -6.65 43.36 19.20
N THR B 109 -7.42 44.42 19.06
CA THR B 109 -7.33 45.29 17.87
C THR B 109 -7.47 46.71 18.36
N PRO B 110 -7.12 47.69 17.54
CA PRO B 110 -7.40 49.10 17.84
C PRO B 110 -8.88 49.39 18.17
N GLU B 111 -9.77 48.78 17.40
CA GLU B 111 -11.17 49.07 17.52
C GLU B 111 -11.68 48.57 18.86
N ILE B 112 -11.22 47.40 19.29
CA ILE B 112 -11.60 46.86 20.59
C ILE B 112 -11.01 47.70 21.72
N TYR B 113 -9.76 48.12 21.59
CA TYR B 113 -9.12 48.93 22.62
C TYR B 113 -9.88 50.25 22.84
N SER B 114 -10.34 50.91 21.78
CA SER B 114 -11.05 52.18 21.93
C SER B 114 -12.41 52.02 22.64
N THR B 115 -13.01 50.82 22.61
CA THR B 115 -14.24 50.55 23.38
C THR B 115 -14.01 50.15 24.85
N MET B 116 -12.76 49.94 25.27
CA MET B 116 -12.49 49.53 26.62
C MET B 116 -12.55 50.75 27.53
N SER B 117 -12.98 50.57 28.78
CA SER B 117 -12.98 51.63 29.76
C SER B 117 -11.54 52.06 30.06
N GLU B 118 -11.35 53.25 30.62
CA GLU B 118 -10.01 53.70 31.01
C GLU B 118 -9.36 52.68 31.94
N GLU B 119 -10.14 52.17 32.90
CA GLU B 119 -9.65 51.14 33.82
C GLU B 119 -9.29 49.83 33.11
N GLU B 120 -10.17 49.29 32.29
CA GLU B 120 -9.84 48.13 31.47
C GLU B 120 -8.51 48.30 30.64
N GLN B 121 -8.33 49.45 30.05
CA GLN B 121 -7.10 49.74 29.34
C GLN B 121 -5.87 49.77 30.25
N ASN B 122 -5.99 50.46 31.38
CA ASN B 122 -4.90 50.48 32.36
C ASN B 122 -4.53 49.02 32.78
N LEU B 123 -5.53 48.18 33.03
CA LEU B 123 -5.26 46.79 33.45
C LEU B 123 -4.53 46.03 32.34
N LEU B 124 -4.98 46.19 31.10
CA LEU B 124 -4.31 45.60 29.97
C LEU B 124 -2.84 46.02 29.89
N LYS B 125 -2.59 47.30 30.03
CA LYS B 125 -1.23 47.79 29.98
C LYS B 125 -0.39 47.19 31.08
N ARG B 126 -0.94 47.14 32.28
CA ARG B 126 -0.23 46.55 33.39
C ARG B 126 0.03 45.07 33.16
N ASP B 127 -0.98 44.36 32.64
CA ASP B 127 -0.83 42.92 32.41
C ASP B 127 0.31 42.65 31.39
N ILE B 128 0.35 43.46 30.34
CA ILE B 128 1.40 43.35 29.34
C ILE B 128 2.77 43.66 29.95
N ALA B 129 2.87 44.77 30.65
CA ALA B 129 4.16 45.14 31.21
C ALA B 129 4.63 44.03 32.13
N SER B 130 3.69 43.48 32.87
CA SER B 130 4.01 42.44 33.83
C SER B 130 4.50 41.11 33.16
N PHE B 131 3.79 40.72 32.09
CA PHE B 131 4.19 39.56 31.34
C PHE B 131 5.59 39.72 30.76
N LEU B 132 5.83 40.86 30.10
CA LEU B 132 7.13 41.14 29.54
C LEU B 132 8.21 41.13 30.62
N ARG B 133 7.92 41.71 31.78
CA ARG B 133 8.94 41.84 32.83
C ARG B 133 9.32 40.43 33.25
N GLN B 134 8.32 39.57 33.38
CA GLN B 134 8.61 38.23 33.81
C GLN B 134 9.38 37.40 32.74
N MET B 135 9.00 37.53 31.47
CA MET B 135 9.67 36.79 30.44
C MET B 135 11.11 37.27 30.27
N HIS B 136 11.29 38.58 30.19
CA HIS B 136 12.61 39.18 30.01
C HIS B 136 13.54 38.92 31.18
N GLY B 137 12.97 38.63 32.34
CA GLY B 137 13.74 38.27 33.50
C GLY B 137 14.20 36.84 33.60
N LEU B 138 13.81 35.94 32.71
CA LEU B 138 14.16 34.54 32.89
C LEU B 138 15.63 34.28 32.66
N ASP B 139 16.20 33.42 33.51
CA ASP B 139 17.49 32.82 33.24
C ASP B 139 17.23 31.97 31.97
N TYR B 140 17.91 32.31 30.89
CA TYR B 140 17.77 31.67 29.62
C TYR B 140 18.87 30.61 29.28
N THR B 141 19.64 30.19 30.27
CA THR B 141 20.79 29.24 30.08
C THR B 141 20.38 27.98 29.32
N ASP B 142 19.24 27.43 29.72
CA ASP B 142 18.68 26.22 29.11
C ASP B 142 18.19 26.34 27.64
N ILE B 143 18.06 27.54 27.12
CA ILE B 143 17.77 27.75 25.70
C ILE B 143 18.84 28.65 25.10
N SER B 144 20.08 28.53 25.53
CA SER B 144 21.09 29.55 25.14
C SER B 144 21.45 29.49 23.64
N GLU B 145 21.21 28.34 23.00
CA GLU B 145 21.36 28.21 21.54
C GLU B 145 20.36 29.04 20.72
N CYS B 146 19.33 29.60 21.34
CA CYS B 146 18.31 30.34 20.62
C CYS B 146 18.61 31.84 20.53
N THR B 147 19.87 32.22 20.37
CA THR B 147 20.22 33.65 20.20
C THR B 147 19.88 34.16 18.83
N ILE B 148 19.67 35.46 18.72
CA ILE B 148 19.38 36.07 17.44
C ILE B 148 20.12 37.38 17.41
N ASP B 149 20.93 37.56 16.37
CA ASP B 149 21.70 38.77 16.16
C ASP B 149 21.10 39.52 14.96
N ASN B 150 20.31 40.55 15.23
CA ASN B 150 19.63 41.26 14.14
C ASN B 150 20.60 41.96 13.23
N LYS B 151 21.66 42.52 13.78
CA LYS B 151 22.59 43.28 12.94
C LYS B 151 23.29 42.38 11.95
N GLN B 152 23.75 41.26 12.44
CA GLN B 152 24.42 40.29 11.62
C GLN B 152 23.49 39.65 10.59
N ASN B 153 22.22 39.45 10.94
CA ASN B 153 21.23 38.95 9.98
C ASN B 153 21.06 39.94 8.83
N VAL B 154 21.01 41.21 9.16
CA VAL B 154 20.94 42.26 8.12
C VAL B 154 22.20 42.26 7.26
N LEU B 155 23.36 42.19 7.88
CA LEU B 155 24.57 42.16 7.06
C LEU B 155 24.53 40.99 6.07
N GLU B 156 24.08 39.82 6.50
CA GLU B 156 23.98 38.65 5.64
C GLU B 156 22.95 38.83 4.52
N GLU B 157 21.82 39.47 4.84
CA GLU B 157 20.86 39.78 3.82
C GLU B 157 21.41 40.78 2.84
N TYR B 158 22.21 41.71 3.30
CA TYR B 158 22.78 42.73 2.41
C TYR B 158 23.76 42.07 1.49
N ILE B 159 24.53 41.11 1.96
CA ILE B 159 25.43 40.42 1.08
C ILE B 159 24.67 39.66 -0.02
N LEU B 160 23.57 39.03 0.36
CA LEU B 160 22.72 38.35 -0.61
C LEU B 160 22.19 39.32 -1.67
N LEU B 161 21.80 40.53 -1.25
CA LEU B 161 21.43 41.58 -2.24
C LEU B 161 22.58 41.84 -3.17
N ARG B 162 23.80 41.99 -2.65
CA ARG B 162 24.93 42.30 -3.48
C ARG B 162 25.23 41.18 -4.41
N GLU B 163 25.04 39.93 -3.99
CA GLU B 163 25.23 38.75 -4.84
C GLU B 163 24.18 38.54 -5.96
N THR B 164 23.04 39.22 -5.89
CA THR B 164 21.89 38.93 -6.74
C THR B 164 21.49 40.18 -7.48
N ILE B 165 20.55 40.96 -6.95
CA ILE B 165 19.91 42.02 -7.73
C ILE B 165 20.42 43.44 -7.57
N TYR B 166 21.37 43.66 -6.68
CA TYR B 166 21.73 45.03 -6.28
C TYR B 166 22.15 45.86 -7.46
N ASN B 167 22.94 45.31 -8.36
CA ASN B 167 23.44 46.07 -9.50
C ASN B 167 22.38 46.56 -10.45
N ASP B 168 21.23 45.89 -10.50
CA ASP B 168 20.08 46.36 -11.29
C ASP B 168 19.15 47.27 -10.56
N LEU B 169 19.44 47.70 -9.33
CA LEU B 169 18.55 48.60 -8.62
C LEU B 169 18.79 50.00 -9.15
N THR B 170 17.80 50.87 -9.02
CA THR B 170 17.98 52.28 -9.39
C THR B 170 18.88 52.99 -8.36
N ASP B 171 19.33 54.17 -8.70
CA ASP B 171 20.08 55.00 -7.77
C ASP B 171 19.26 55.32 -6.53
N ILE B 172 17.97 55.65 -6.69
CA ILE B 172 17.12 55.96 -5.59
C ILE B 172 17.05 54.76 -4.62
N GLU B 173 16.94 53.55 -5.20
CA GLU B 173 16.85 52.34 -4.42
C GLU B 173 18.16 52.06 -3.70
N LYS B 174 19.24 52.15 -4.43
CA LYS B 174 20.57 52.04 -3.81
C LYS B 174 20.81 53.05 -2.72
N ASP B 175 20.45 54.29 -2.90
CA ASP B 175 20.63 55.28 -1.84
CA ASP B 175 20.62 55.30 -1.83
C ASP B 175 19.85 54.90 -0.58
N TYR B 176 18.63 54.41 -0.73
CA TYR B 176 17.83 54.03 0.42
C TYR B 176 18.55 52.93 1.20
N ILE B 177 19.04 51.93 0.48
CA ILE B 177 19.66 50.77 1.13
C ILE B 177 20.99 51.22 1.78
N GLU B 178 21.81 52.01 1.08
CA GLU B 178 23.10 52.46 1.63
C GLU B 178 22.93 53.35 2.81
N SER B 179 21.86 54.08 2.79
CA SER B 179 21.63 55.03 3.84
C SER B 179 21.19 54.26 5.10
N PHE B 180 20.39 53.21 4.91
CA PHE B 180 20.05 52.31 5.98
C PHE B 180 21.29 51.63 6.58
N MET B 181 22.17 51.13 5.72
CA MET B 181 23.36 50.45 6.19
C MET B 181 24.29 51.38 6.93
N GLU B 182 24.35 52.63 6.53
CA GLU B 182 25.16 53.63 7.28
C GLU B 182 24.56 53.82 8.70
N ARG B 183 23.26 53.87 8.78
CA ARG B 183 22.59 53.99 10.06
C ARG B 183 22.80 52.75 10.94
N LEU B 184 22.74 51.59 10.35
CA LEU B 184 22.96 50.37 11.13
C LEU B 184 24.34 50.30 11.72
N ASN B 185 25.29 50.82 10.98
CA ASN B 185 26.66 50.74 11.37
C ASN B 185 26.96 51.74 12.50
N ALA B 186 26.26 52.89 12.50
CA ALA B 186 26.43 53.96 13.48
C ALA B 186 25.65 53.77 14.74
N THR B 187 24.57 53.02 14.72
CA THR B 187 23.66 53.00 15.89
C THR B 187 24.28 52.25 17.06
N THR B 188 23.81 52.57 18.25
CA THR B 188 24.21 51.90 19.48
C THR B 188 23.10 51.04 20.02
N VAL B 189 21.94 50.98 19.38
CA VAL B 189 20.81 50.28 19.99
C VAL B 189 20.95 48.76 20.15
N PHE B 190 21.94 48.15 19.56
CA PHE B 190 22.21 46.71 19.74
C PHE B 190 23.16 46.42 20.92
N GLU B 191 23.53 47.43 21.68
CA GLU B 191 24.54 47.26 22.72
C GLU B 191 23.95 47.21 24.13
N GLY B 192 22.65 46.98 24.26
CA GLY B 192 22.00 46.91 25.54
C GLY B 192 21.71 45.49 25.97
N LYS B 193 20.86 45.40 27.00
CA LYS B 193 20.46 44.14 27.56
C LYS B 193 19.87 43.19 26.49
N LYS B 194 20.36 41.95 26.53
CA LYS B 194 19.80 40.81 25.83
C LYS B 194 18.97 39.96 26.77
N CYS B 195 17.88 39.44 26.26
CA CYS B 195 17.03 38.55 27.01
C CYS B 195 16.11 37.80 26.06
N LEU B 196 15.33 36.88 26.59
CA LEU B 196 14.36 36.13 25.82
C LEU B 196 13.17 37.01 25.50
N CYS B 197 12.93 37.25 24.22
CA CYS B 197 11.83 38.06 23.76
C CYS B 197 10.92 37.26 22.88
N HIS B 198 9.64 37.62 22.95
CA HIS B 198 8.65 37.05 22.07
C HIS B 198 9.06 37.31 20.62
N ASN B 199 9.43 38.55 20.36
CA ASN B 199 9.99 39.03 19.10
C ASN B 199 9.02 39.11 17.94
N ASP B 200 7.73 39.05 18.19
CA ASP B 200 6.71 39.44 17.20
C ASP B 200 5.46 39.89 17.96
N PHE B 201 5.68 40.81 18.91
CA PHE B 201 4.71 41.10 19.96
C PHE B 201 3.74 42.17 19.55
N SER B 202 2.85 41.84 18.67
CA SER B 202 1.93 42.76 18.07
C SER B 202 0.58 42.38 18.55
N CYS B 203 -0.41 43.25 18.38
CA CYS B 203 -1.67 42.92 18.97
C CYS B 203 -2.48 41.80 18.35
N ASN B 204 -2.20 41.45 17.10
CA ASN B 204 -2.79 40.17 16.51
C ASN B 204 -2.26 38.84 17.16
N HIS B 205 -1.37 38.93 18.15
CA HIS B 205 -0.99 37.75 18.93
C HIS B 205 -1.42 37.83 20.39
N LEU B 206 -2.22 38.83 20.76
CA LEU B 206 -2.64 38.96 22.13
C LEU B 206 -4.14 38.69 22.23
N LEU B 207 -4.50 37.80 23.15
CA LEU B 207 -5.86 37.35 23.31
C LEU B 207 -6.48 37.94 24.58
N LEU B 208 -7.71 38.43 24.44
CA LEU B 208 -8.53 38.92 25.56
C LEU B 208 -9.63 37.99 25.92
N ASP B 209 -9.97 37.91 27.20
CA ASP B 209 -11.16 37.15 27.67
C ASP B 209 -12.41 38.03 27.63
N GLY B 210 -13.56 37.53 28.09
CA GLY B 210 -14.83 38.30 28.07
C GLY B 210 -14.89 39.60 28.90
N ASN B 211 -13.94 39.78 29.81
CA ASN B 211 -13.77 41.03 30.59
C ASN B 211 -12.63 41.94 30.07
N ASN B 212 -12.21 41.72 28.83
CA ASN B 212 -11.09 42.43 28.20
C ASN B 212 -9.78 42.39 29.00
N ARG B 213 -9.52 41.29 29.73
CA ARG B 213 -8.23 41.08 30.36
C ARG B 213 -7.36 40.24 29.40
N LEU B 214 -6.07 40.45 29.46
CA LEU B 214 -5.14 39.68 28.71
C LEU B 214 -5.23 38.25 29.22
N THR B 215 -5.55 37.33 28.33
CA THR B 215 -5.74 35.93 28.71
C THR B 215 -4.76 35.02 28.04
N GLY B 216 -4.26 35.39 26.87
CA GLY B 216 -3.31 34.54 26.17
C GLY B 216 -2.44 35.28 25.21
N ILE B 217 -1.29 34.67 24.92
CA ILE B 217 -0.35 35.15 23.95
C ILE B 217 0.11 33.97 23.09
N ILE B 218 0.18 34.17 21.77
CA ILE B 218 0.51 33.15 20.85
C ILE B 218 1.67 33.56 20.01
N ASP B 219 2.11 32.59 19.21
CA ASP B 219 3.10 32.74 18.18
C ASP B 219 4.41 33.26 18.70
N PHE B 220 5.09 32.39 19.41
CA PHE B 220 6.46 32.60 19.82
C PHE B 220 7.41 32.04 18.75
N GLY B 221 6.96 31.93 17.50
CA GLY B 221 7.79 31.46 16.43
C GLY B 221 9.02 32.23 16.03
N ASP B 222 9.16 33.48 16.43
CA ASP B 222 10.37 34.20 16.16
C ASP B 222 11.12 34.46 17.44
N SER B 223 10.69 33.88 18.55
CA SER B 223 11.31 34.17 19.85
C SER B 223 12.75 33.72 19.92
N GLY B 224 13.49 34.43 20.76
CA GLY B 224 14.86 34.13 20.98
C GLY B 224 15.50 35.12 21.94
N ILE B 225 16.80 34.95 22.16
CA ILE B 225 17.54 35.81 23.01
C ILE B 225 18.04 36.89 22.09
N ILE B 226 17.63 38.10 22.38
CA ILE B 226 17.79 39.22 21.48
C ILE B 226 17.61 40.50 22.34
N ASP B 227 17.80 41.66 21.74
CA ASP B 227 17.63 42.92 22.45
C ASP B 227 16.30 43.07 23.14
N GLU B 228 16.37 43.42 24.42
CA GLU B 228 15.20 43.79 25.21
C GLU B 228 14.23 44.72 24.47
N TYR B 229 14.77 45.68 23.72
CA TYR B 229 13.94 46.62 22.95
C TYR B 229 12.97 45.94 21.94
N CYS B 230 13.29 44.72 21.50
CA CYS B 230 12.55 44.01 20.45
C CYS B 230 11.08 43.87 20.76
N ASP B 231 10.74 43.57 22.00
CA ASP B 231 9.36 43.38 22.36
C ASP B 231 8.56 44.63 22.46
N PHE B 232 9.15 45.79 22.17
CA PHE B 232 8.36 47.02 22.16
C PHE B 232 8.16 47.58 20.79
N ILE B 233 8.67 46.92 19.77
CA ILE B 233 8.61 47.55 18.43
C ILE B 233 7.20 47.71 17.90
N TYR B 234 6.30 46.78 18.18
CA TYR B 234 4.92 46.92 17.65
C TYR B 234 4.03 47.69 18.64
N LEU B 235 4.29 47.56 19.92
CA LEU B 235 3.66 48.39 20.92
C LEU B 235 3.90 49.85 20.65
N LEU B 236 5.05 50.20 20.13
CA LEU B 236 5.36 51.58 19.75
C LEU B 236 4.87 52.05 18.37
N GLU B 237 4.35 51.14 17.54
CA GLU B 237 4.06 51.44 16.15
C GLU B 237 2.83 52.31 15.96
N ASP B 238 2.93 53.25 15.06
CA ASP B 238 1.82 54.10 14.68
C ASP B 238 1.34 53.55 13.33
N SER B 239 0.23 52.82 13.33
CA SER B 239 -0.33 52.20 12.11
C SER B 239 -1.76 51.74 12.32
N GLU B 240 -2.45 51.39 11.26
CA GLU B 240 -3.80 50.83 11.37
C GLU B 240 -3.88 49.52 12.15
N GLU B 241 -2.86 48.68 12.08
CA GLU B 241 -2.87 47.37 12.73
C GLU B 241 -2.61 47.46 14.24
N GLU B 242 -1.92 48.51 14.69
CA GLU B 242 -1.53 48.61 16.09
C GLU B 242 -2.23 49.77 16.79
N ILE B 243 -2.15 49.78 18.12
CA ILE B 243 -2.90 50.67 18.94
C ILE B 243 -2.39 52.07 18.92
N GLY B 244 -1.09 52.28 19.09
CA GLY B 244 -0.48 53.62 19.05
C GLY B 244 0.77 53.80 19.93
N THR B 245 1.65 54.73 19.53
CA THR B 245 2.81 55.11 20.31
C THR B 245 2.56 55.31 21.83
N ASN B 246 1.45 55.95 22.18
CA ASN B 246 1.17 56.26 23.58
C ASN B 246 0.88 55.01 24.40
N PHE B 247 0.25 54.01 23.79
CA PHE B 247 0.08 52.67 24.36
C PHE B 247 1.46 52.08 24.70
N GLY B 248 2.39 52.11 23.74
CA GLY B 248 3.71 51.58 23.95
C GLY B 248 4.50 52.34 24.98
N GLU B 249 4.39 53.67 24.94
CA GLU B 249 5.05 54.51 25.91
C GLU B 249 4.61 54.23 27.35
N ASP B 250 3.31 54.09 27.58
CA ASP B 250 2.81 53.87 28.95
C ASP B 250 3.26 52.52 29.47
N ILE B 251 3.24 51.54 28.56
CA ILE B 251 3.67 50.23 28.88
C ILE B 251 5.16 50.24 29.23
N LEU B 252 5.93 51.03 28.50
CA LEU B 252 7.34 51.17 28.80
C LEU B 252 7.54 51.80 30.17
N ARG B 253 6.72 52.78 30.53
CA ARG B 253 6.86 53.39 31.87
C ARG B 253 6.55 52.39 32.92
N MET B 254 5.46 51.64 32.77
CA MET B 254 5.11 50.62 33.75
C MET B 254 6.17 49.51 33.82
N TYR B 255 6.77 49.15 32.71
CA TYR B 255 7.76 48.08 32.71
C TYR B 255 9.04 48.56 33.46
N GLY B 256 9.45 49.81 33.24
CA GLY B 256 10.56 50.44 33.94
C GLY B 256 11.97 50.06 33.52
N ASN B 257 12.96 50.82 33.96
CA ASN B 257 14.37 50.57 33.72
C ASN B 257 14.62 50.30 32.24
N ILE B 258 14.18 51.21 31.40
CA ILE B 258 14.44 51.07 30.01
C ILE B 258 14.42 52.40 29.29
N ASP B 259 15.43 52.64 28.47
CA ASP B 259 15.60 53.89 27.77
C ASP B 259 14.57 53.96 26.63
N ILE B 260 13.56 54.80 26.83
CA ILE B 260 12.44 54.92 25.89
C ILE B 260 12.86 55.45 24.52
N GLU B 261 13.78 56.40 24.50
CA GLU B 261 14.25 56.96 23.23
C GLU B 261 14.96 55.90 22.40
N LYS B 262 15.76 55.05 23.04
CA LYS B 262 16.42 53.98 22.32
C LYS B 262 15.46 52.89 21.85
N ALA B 263 14.48 52.52 22.68
CA ALA B 263 13.38 51.71 22.18
C ALA B 263 12.75 52.28 20.91
N LYS B 264 12.54 53.59 20.88
CA LYS B 264 11.97 54.21 19.70
C LYS B 264 12.93 54.19 18.54
N GLU B 265 14.22 54.41 18.81
CA GLU B 265 15.23 54.35 17.75
C GLU B 265 15.22 52.94 17.14
N TYR B 266 15.24 51.92 17.98
CA TYR B 266 15.19 50.53 17.55
C TYR B 266 13.98 50.33 16.65
N GLN B 267 12.82 50.70 17.11
CA GLN B 267 11.64 50.58 16.31
C GLN B 267 11.76 51.30 14.96
N ASP B 268 12.34 52.48 14.98
CA ASP B 268 12.47 53.27 13.77
C ASP B 268 13.42 52.59 12.75
N ILE B 269 14.50 52.00 13.25
CA ILE B 269 15.43 51.27 12.42
C ILE B 269 14.74 50.05 11.75
N VAL B 270 14.03 49.25 12.53
CA VAL B 270 13.30 48.13 11.99
C VAL B 270 12.29 48.57 10.97
N GLU B 271 11.61 49.69 11.22
CA GLU B 271 10.62 50.18 10.26
C GLU B 271 11.35 50.61 8.96
N GLU B 272 12.56 51.23 9.08
CA GLU B 272 13.25 51.65 7.87
C GLU B 272 13.62 50.44 7.04
N TYR B 273 13.89 49.34 7.74
CA TYR B 273 14.36 48.15 7.11
C TYR B 273 13.23 47.37 6.30
N TYR B 274 11.96 47.59 6.65
CA TYR B 274 10.86 46.81 6.15
C TYR B 274 10.84 46.57 4.64
N PRO B 275 11.03 47.63 3.84
CA PRO B 275 11.09 47.37 2.39
C PRO B 275 12.23 46.50 1.89
N ILE B 276 13.35 46.55 2.59
CA ILE B 276 14.51 45.79 2.22
C ILE B 276 14.21 44.36 2.62
N GLU B 277 13.59 44.19 3.79
CA GLU B 277 13.20 42.87 4.28
C GLU B 277 12.26 42.20 3.29
N THR B 278 11.37 43.01 2.71
CA THR B 278 10.43 42.55 1.75
C THR B 278 11.16 42.06 0.47
N ILE B 279 12.09 42.86 -0.02
CA ILE B 279 12.89 42.49 -1.20
C ILE B 279 13.65 41.20 -0.96
N VAL B 280 14.28 41.11 0.19
CA VAL B 280 15.10 39.94 0.49
C VAL B 280 14.26 38.68 0.53
N TYR B 281 13.09 38.75 1.16
CA TYR B 281 12.16 37.62 1.19
C TYR B 281 11.83 37.18 -0.25
N GLY B 282 11.62 38.13 -1.15
CA GLY B 282 11.37 37.85 -2.55
C GLY B 282 12.50 37.07 -3.23
N ILE B 283 13.74 37.44 -2.93
CA ILE B 283 14.90 36.83 -3.55
C ILE B 283 15.01 35.39 -3.02
N LYS B 284 14.98 35.25 -1.72
CA LYS B 284 15.21 33.97 -1.08
C LYS B 284 14.17 32.90 -1.44
N ASN B 285 12.94 33.34 -1.68
CA ASN B 285 11.82 32.45 -1.91
C ASN B 285 11.38 32.50 -3.39
N ILE B 286 12.22 33.07 -4.24
CA ILE B 286 11.92 33.22 -5.66
C ILE B 286 10.47 33.70 -5.88
N LYS B 287 10.07 34.77 -5.21
CA LYS B 287 8.73 35.38 -5.41
C LYS B 287 8.90 36.83 -5.90
N GLN B 288 8.91 37.02 -7.22
CA GLN B 288 9.13 38.34 -7.82
C GLN B 288 8.21 39.43 -7.24
N GLU B 289 6.98 39.14 -6.89
CA GLU B 289 6.04 40.20 -6.49
C GLU B 289 6.52 40.90 -5.22
N PHE B 290 7.21 40.17 -4.34
CA PHE B 290 7.78 40.75 -3.15
C PHE B 290 8.96 41.67 -3.47
N ILE B 291 9.77 41.30 -4.46
CA ILE B 291 10.83 42.16 -4.90
C ILE B 291 10.22 43.45 -5.40
N GLU B 292 9.22 43.35 -6.28
CA GLU B 292 8.56 44.52 -6.83
C GLU B 292 7.93 45.36 -5.73
N ASN B 293 7.22 44.76 -4.78
CA ASN B 293 6.55 45.52 -3.70
C ASN B 293 7.51 46.28 -2.81
N GLY B 294 8.65 45.70 -2.47
CA GLY B 294 9.60 46.38 -1.62
C GLY B 294 10.26 47.55 -2.34
N ARG B 295 10.58 47.38 -3.62
CA ARG B 295 11.13 48.47 -4.41
C ARG B 295 10.14 49.59 -4.56
N LYS B 296 8.89 49.25 -4.80
CA LYS B 296 7.83 50.23 -4.87
C LYS B 296 7.69 50.96 -3.59
N GLU B 297 7.80 50.26 -2.47
CA GLU B 297 7.65 50.92 -1.12
C GLU B 297 8.80 51.93 -0.87
N ILE B 298 10.00 51.64 -1.39
CA ILE B 298 11.11 52.58 -1.34
C ILE B 298 10.80 53.89 -2.05
N TYR B 299 10.27 53.80 -3.27
CA TYR B 299 9.78 55.01 -4.01
C TYR B 299 8.71 55.75 -3.22
N LYS B 300 7.76 55.05 -2.63
CA LYS B 300 6.68 55.71 -1.86
C LYS B 300 7.26 56.50 -0.72
N ARG B 301 8.18 55.90 0.03
CA ARG B 301 8.87 56.58 1.12
C ARG B 301 9.78 57.72 0.66
N THR B 302 10.47 57.52 -0.45
CA THR B 302 11.31 58.53 -1.04
C THR B 302 10.49 59.77 -1.44
N TYR B 303 9.26 59.64 -1.88
CA TYR B 303 8.40 60.77 -2.34
C TYR B 303 7.41 61.35 -1.27
N LYS B 304 7.62 61.08 0.03
CA LYS B 304 7.16 61.94 1.11
C LYS B 304 8.45 62.57 1.57
N VAL C 12 0.83 -21.44 3.17
CA VAL C 12 -0.55 -21.34 3.57
C VAL C 12 -0.94 -19.93 3.98
N LYS C 13 -0.07 -19.22 4.70
CA LYS C 13 -0.40 -17.85 5.13
C LYS C 13 -0.49 -16.91 3.95
N ALA C 14 0.44 -17.04 3.02
CA ALA C 14 0.39 -16.24 1.79
C ALA C 14 -0.87 -16.52 0.98
N MET C 15 -1.29 -17.78 0.86
CA MET C 15 -2.49 -18.10 0.07
C MET C 15 -3.74 -17.61 0.83
N LYS C 16 -3.76 -17.76 2.15
CA LYS C 16 -4.84 -17.19 2.96
C LYS C 16 -4.97 -15.69 2.69
N TYR C 17 -3.83 -15.01 2.59
CA TYR C 17 -3.83 -13.58 2.30
C TYR C 17 -4.39 -13.26 0.92
N LEU C 18 -3.94 -13.98 -0.08
CA LEU C 18 -4.40 -13.76 -1.47
C LEU C 18 -5.89 -14.02 -1.63
N ILE C 19 -6.40 -15.07 -0.97
CA ILE C 19 -7.83 -15.35 -1.03
C ILE C 19 -8.61 -14.18 -0.39
N GLU C 20 -8.18 -13.71 0.78
CA GLU C 20 -8.91 -12.64 1.43
C GLU C 20 -8.78 -11.33 0.66
N HIS C 21 -7.66 -11.12 -0.03
CA HIS C 21 -7.41 -9.90 -0.79
C HIS C 21 -8.31 -9.87 -2.02
N TYR C 22 -8.34 -10.98 -2.75
CA TYR C 22 -9.04 -11.06 -4.03
C TYR C 22 -10.55 -11.35 -3.97
N PHE C 23 -11.02 -12.00 -2.90
CA PHE C 23 -12.45 -12.25 -2.69
C PHE C 23 -12.83 -11.55 -1.42
N ASP C 24 -13.31 -10.32 -1.58
CA ASP C 24 -13.45 -9.30 -0.51
C ASP C 24 -14.12 -9.70 0.79
N ASN C 25 -15.24 -10.40 0.68
CA ASN C 25 -15.95 -10.75 1.89
C ASN C 25 -15.63 -12.14 2.38
N PHE C 26 -14.64 -12.80 1.80
CA PHE C 26 -14.32 -14.16 2.18
C PHE C 26 -13.37 -14.20 3.36
N LYS C 27 -13.75 -14.88 4.44
CA LYS C 27 -12.90 -15.01 5.63
C LYS C 27 -12.33 -16.40 5.76
N VAL C 28 -11.03 -16.51 5.84
CA VAL C 28 -10.38 -17.83 5.95
C VAL C 28 -10.19 -18.16 7.42
N ASP C 29 -10.95 -19.10 7.95
CA ASP C 29 -10.79 -19.58 9.33
C ASP C 29 -9.81 -20.73 9.44
N SER C 30 -9.75 -21.58 8.43
CA SER C 30 -8.71 -22.62 8.40
C SER C 30 -8.32 -22.89 6.96
N ILE C 31 -7.10 -23.36 6.77
CA ILE C 31 -6.61 -23.60 5.43
C ILE C 31 -5.47 -24.60 5.46
N GLU C 32 -5.60 -25.67 4.71
CA GLU C 32 -4.55 -26.65 4.61
C GLU C 32 -4.41 -27.11 3.16
N ILE C 33 -3.21 -27.62 2.85
CA ILE C 33 -2.92 -28.21 1.57
C ILE C 33 -3.60 -29.59 1.44
N ILE C 34 -4.35 -29.79 0.36
CA ILE C 34 -5.05 -31.04 0.10
C ILE C 34 -4.46 -31.78 -1.08
N GLY C 35 -3.81 -31.03 -1.97
CA GLY C 35 -3.04 -31.66 -3.02
C GLY C 35 -2.21 -30.68 -3.78
N SER C 36 -1.37 -31.22 -4.65
CA SER C 36 -0.57 -30.39 -5.54
C SER C 36 -0.03 -31.13 -6.78
N GLY C 37 -0.19 -30.53 -7.95
CA GLY C 37 0.49 -30.91 -9.17
C GLY C 37 1.87 -30.28 -9.23
N TYR C 38 2.47 -30.29 -10.41
CA TYR C 38 3.85 -29.83 -10.55
C TYR C 38 3.89 -28.28 -10.57
N ASP C 39 2.77 -27.66 -10.89
CA ASP C 39 2.73 -26.18 -11.03
C ASP C 39 1.51 -25.56 -10.35
N SER C 40 0.86 -26.31 -9.48
CA SER C 40 -0.38 -25.86 -8.88
C SER C 40 -0.49 -26.45 -7.50
N VAL C 41 -1.25 -25.75 -6.65
CA VAL C 41 -1.46 -26.20 -5.30
C VAL C 41 -2.92 -26.03 -4.99
N ALA C 42 -3.50 -27.01 -4.30
CA ALA C 42 -4.89 -26.97 -3.93
C ALA C 42 -5.06 -26.98 -2.43
N TYR C 43 -6.06 -26.20 -1.97
CA TYR C 43 -6.22 -25.94 -0.55
C TYR C 43 -7.65 -26.22 -0.17
N LEU C 44 -7.82 -26.83 1.00
CA LEU C 44 -9.13 -26.98 1.62
C LEU C 44 -9.25 -25.87 2.65
N VAL C 45 -10.23 -24.99 2.42
CA VAL C 45 -10.45 -23.81 3.23
C VAL C 45 -11.76 -23.97 3.99
N ASN C 46 -11.72 -23.73 5.31
CA ASN C 46 -12.93 -23.76 6.19
C ASN C 46 -13.62 -25.13 6.19
N ASN C 47 -12.85 -26.20 5.92
CA ASN C 47 -13.40 -27.55 5.78
C ASN C 47 -14.61 -27.66 4.81
N GLU C 48 -14.68 -26.72 3.86
CA GLU C 48 -15.85 -26.50 3.03
C GLU C 48 -15.53 -26.17 1.56
N TYR C 49 -14.51 -25.34 1.29
CA TYR C 49 -14.17 -24.91 -0.07
C TYR C 49 -12.84 -25.49 -0.56
N ILE C 50 -12.78 -25.88 -1.83
CA ILE C 50 -11.53 -26.15 -2.51
C ILE C 50 -11.14 -24.89 -3.22
N PHE C 51 -9.87 -24.50 -3.06
CA PHE C 51 -9.29 -23.42 -3.84
C PHE C 51 -8.10 -24.02 -4.59
N LYS C 52 -8.22 -24.08 -5.91
CA LYS C 52 -7.12 -24.49 -6.80
C LYS C 52 -6.37 -23.22 -7.17
N THR C 53 -5.05 -23.25 -7.16
CA THR C 53 -4.29 -22.06 -7.45
C THR C 53 -3.05 -22.37 -8.24
N LYS C 54 -2.66 -21.40 -9.03
CA LYS C 54 -1.58 -21.57 -9.97
C LYS C 54 -0.91 -20.21 -10.11
N PHE C 55 0.41 -20.16 -10.25
CA PHE C 55 1.11 -18.95 -10.75
C PHE C 55 1.41 -19.05 -12.27
N TYR C 63 -6.36 -21.50 -16.05
CA TYR C 63 -7.66 -21.78 -15.41
C TYR C 63 -8.88 -21.14 -16.07
N ALA C 64 -8.71 -20.27 -17.08
CA ALA C 64 -9.87 -19.72 -17.75
C ALA C 64 -10.67 -20.78 -18.50
N LYS C 65 -10.02 -21.66 -19.26
CA LYS C 65 -10.70 -22.74 -19.96
C LYS C 65 -11.42 -23.67 -18.99
N GLU C 66 -10.77 -23.97 -17.87
CA GLU C 66 -11.33 -24.88 -16.92
C GLU C 66 -12.65 -24.28 -16.36
N LYS C 67 -12.62 -22.99 -16.06
CA LYS C 67 -13.83 -22.29 -15.63
C LYS C 67 -14.95 -22.34 -16.69
N ALA C 68 -14.62 -22.08 -17.94
CA ALA C 68 -15.58 -22.12 -19.04
C ALA C 68 -16.21 -23.52 -19.17
N ILE C 69 -15.43 -24.54 -18.93
CA ILE C 69 -15.92 -25.88 -18.95
C ILE C 69 -16.87 -26.20 -17.81
N TYR C 70 -16.53 -25.79 -16.59
CA TYR C 70 -17.44 -26.05 -15.48
C TYR C 70 -18.76 -25.28 -15.72
N ASN C 71 -18.66 -24.07 -16.25
CA ASN C 71 -19.84 -23.25 -16.43
CA ASN C 71 -19.84 -23.24 -16.44
C ASN C 71 -20.69 -23.89 -17.53
N PHE C 72 -20.06 -24.37 -18.61
CA PHE C 72 -20.77 -25.10 -19.68
C PHE C 72 -21.42 -26.39 -19.17
N LEU C 73 -20.73 -27.15 -18.34
CA LEU C 73 -21.27 -28.42 -17.87
C LEU C 73 -22.37 -28.23 -16.84
N ASN C 74 -22.24 -27.24 -15.95
CA ASN C 74 -23.25 -27.07 -14.90
C ASN C 74 -24.55 -26.55 -15.52
N THR C 75 -24.48 -25.86 -16.65
CA THR C 75 -25.68 -25.54 -17.44
C THR C 75 -26.34 -26.76 -18.11
N ASN C 76 -25.55 -27.60 -18.79
CA ASN C 76 -26.06 -28.57 -19.76
C ASN C 76 -26.15 -30.01 -19.30
N LEU C 77 -25.36 -30.41 -18.32
CA LEU C 77 -25.44 -31.81 -17.83
C LEU C 77 -26.65 -32.00 -16.97
N GLU C 78 -27.35 -33.11 -17.18
CA GLU C 78 -28.45 -33.52 -16.33
C GLU C 78 -27.96 -34.77 -15.62
N THR C 79 -27.61 -34.67 -14.35
CA THR C 79 -26.95 -35.79 -13.67
C THR C 79 -27.02 -35.61 -12.20
N ASN C 80 -26.99 -36.70 -11.45
CA ASN C 80 -26.85 -36.59 -10.00
C ASN C 80 -25.41 -36.54 -9.55
N VAL C 81 -24.49 -36.78 -10.47
CA VAL C 81 -23.04 -36.78 -10.14
C VAL C 81 -22.64 -35.33 -10.01
N LYS C 82 -21.99 -34.99 -8.92
CA LYS C 82 -21.59 -33.58 -8.68
C LYS C 82 -20.26 -33.29 -9.36
N ILE C 83 -20.13 -32.08 -9.85
CA ILE C 83 -18.87 -31.56 -10.36
C ILE C 83 -18.57 -30.18 -9.75
N PRO C 84 -17.32 -29.72 -9.81
CA PRO C 84 -17.04 -28.37 -9.32
C PRO C 84 -18.00 -27.32 -9.89
N ASN C 85 -18.55 -26.51 -8.99
CA ASN C 85 -19.38 -25.40 -9.37
C ASN C 85 -18.68 -24.11 -8.85
N ILE C 86 -18.13 -23.37 -9.80
CA ILE C 86 -17.19 -22.33 -9.47
C ILE C 86 -17.93 -21.11 -8.89
N GLU C 87 -17.66 -20.80 -7.61
CA GLU C 87 -18.18 -19.60 -6.98
C GLU C 87 -17.18 -18.48 -6.92
N TYR C 88 -15.88 -18.75 -6.91
CA TYR C 88 -14.85 -17.71 -6.80
C TYR C 88 -13.81 -17.93 -7.89
N SER C 89 -13.46 -16.89 -8.61
CA SER C 89 -12.44 -17.01 -9.60
C SER C 89 -11.69 -15.69 -9.64
N TYR C 90 -10.36 -15.78 -9.69
CA TYR C 90 -9.48 -14.71 -10.05
C TYR C 90 -8.53 -15.23 -11.08
N ILE C 91 -8.43 -14.56 -12.21
CA ILE C 91 -7.66 -15.05 -13.34
C ILE C 91 -6.86 -13.91 -13.90
N SER C 92 -5.54 -14.04 -13.87
CA SER C 92 -4.60 -13.03 -14.37
C SER C 92 -3.42 -13.79 -14.95
N ASP C 93 -2.57 -13.05 -15.66
CA ASP C 93 -1.35 -13.63 -16.25
C ASP C 93 -0.48 -14.31 -15.18
N GLU C 94 -0.29 -13.67 -14.05
CA GLU C 94 0.65 -14.14 -13.01
C GLU C 94 0.01 -15.06 -11.94
N LEU C 95 -1.31 -15.06 -11.81
CA LEU C 95 -1.99 -15.81 -10.76
C LEU C 95 -3.41 -16.19 -11.14
N SER C 96 -3.80 -17.42 -10.85
CA SER C 96 -5.17 -17.90 -11.07
C SER C 96 -5.64 -18.72 -9.88
N ILE C 97 -6.86 -18.49 -9.49
CA ILE C 97 -7.46 -19.12 -8.37
C ILE C 97 -8.89 -19.47 -8.79
N LEU C 98 -9.30 -20.71 -8.53
CA LEU C 98 -10.70 -21.15 -8.66
C LEU C 98 -11.14 -21.69 -7.34
N GLY C 99 -12.31 -21.28 -6.90
CA GLY C 99 -12.87 -21.77 -5.65
C GLY C 99 -14.27 -22.29 -5.87
N TYR C 100 -14.54 -23.42 -5.21
CA TYR C 100 -15.83 -24.08 -5.30
C TYR C 100 -15.99 -24.91 -4.06
N LYS C 101 -17.21 -25.33 -3.77
CA LYS C 101 -17.47 -26.17 -2.60
C LYS C 101 -16.92 -27.56 -2.82
N GLU C 102 -16.18 -28.07 -1.83
CA GLU C 102 -15.64 -29.43 -1.79
C GLU C 102 -16.75 -30.38 -2.05
N ILE C 103 -16.54 -31.30 -3.00
CA ILE C 103 -17.47 -32.40 -3.16
C ILE C 103 -17.03 -33.42 -2.15
N LYS C 104 -17.99 -33.88 -1.34
CA LYS C 104 -17.71 -34.78 -0.25
C LYS C 104 -17.74 -36.22 -0.74
N GLY C 105 -16.80 -37.01 -0.18
CA GLY C 105 -16.56 -38.29 -0.68
C GLY C 105 -15.19 -38.79 -0.47
N THR C 106 -14.98 -40.02 -0.92
CA THR C 106 -13.71 -40.73 -0.82
C THR C 106 -13.30 -41.06 -2.25
N PHE C 107 -12.02 -40.85 -2.53
CA PHE C 107 -11.53 -41.10 -3.89
C PHE C 107 -11.42 -42.56 -4.15
N LEU C 108 -11.83 -42.96 -5.34
CA LEU C 108 -11.77 -44.34 -5.76
C LEU C 108 -10.30 -44.78 -5.89
N THR C 109 -10.01 -45.96 -5.39
CA THR C 109 -8.71 -46.57 -5.52
C THR C 109 -8.93 -48.04 -5.78
N PRO C 110 -7.87 -48.73 -6.26
CA PRO C 110 -7.92 -50.19 -6.39
C PRO C 110 -8.32 -50.92 -5.09
N GLU C 111 -7.78 -50.46 -3.97
CA GLU C 111 -7.95 -51.15 -2.70
C GLU C 111 -9.40 -51.04 -2.27
N ILE C 112 -10.00 -49.88 -2.47
CA ILE C 112 -11.42 -49.68 -2.15
C ILE C 112 -12.31 -50.53 -3.06
N TYR C 113 -11.99 -50.52 -4.35
CA TYR C 113 -12.78 -51.29 -5.31
C TYR C 113 -12.80 -52.79 -4.98
N SER C 114 -11.67 -53.37 -4.56
CA SER C 114 -11.62 -54.79 -4.24
C SER C 114 -12.47 -55.15 -3.01
N THR C 115 -12.74 -54.21 -2.11
CA THR C 115 -13.65 -54.42 -0.97
C THR C 115 -15.15 -54.21 -1.29
N MET C 116 -15.48 -53.73 -2.47
CA MET C 116 -16.89 -53.49 -2.82
C MET C 116 -17.53 -54.81 -3.23
N SER C 117 -18.81 -54.97 -2.98
CA SER C 117 -19.55 -56.15 -3.43
C SER C 117 -19.62 -56.18 -4.96
N GLU C 118 -19.90 -57.35 -5.54
CA GLU C 118 -20.07 -57.45 -7.01
C GLU C 118 -21.13 -56.44 -7.47
N GLU C 119 -22.23 -56.35 -6.73
CA GLU C 119 -23.31 -55.40 -7.05
C GLU C 119 -22.85 -53.95 -6.95
N GLU C 120 -22.24 -53.54 -5.84
CA GLU C 120 -21.64 -52.20 -5.74
C GLU C 120 -20.70 -51.86 -6.91
N GLN C 121 -19.85 -52.79 -7.29
CA GLN C 121 -18.97 -52.60 -8.44
C GLN C 121 -19.74 -52.41 -9.75
N ASN C 122 -20.69 -53.27 -10.00
CA ASN C 122 -21.54 -53.12 -11.19
C ASN C 122 -22.24 -51.78 -11.23
N LEU C 123 -22.76 -51.30 -10.10
CA LEU C 123 -23.43 -49.98 -10.07
C LEU C 123 -22.45 -48.88 -10.39
N LEU C 124 -21.25 -48.94 -9.83
CA LEU C 124 -20.20 -47.99 -10.12
C LEU C 124 -19.88 -47.97 -11.60
N LYS C 125 -19.72 -49.15 -12.21
CA LYS C 125 -19.40 -49.21 -13.60
C LYS C 125 -20.51 -48.61 -14.42
N ARG C 126 -21.75 -48.90 -14.08
CA ARG C 126 -22.88 -48.34 -14.80
C ARG C 126 -22.91 -46.83 -14.62
N ASP C 127 -22.66 -46.35 -13.41
CA ASP C 127 -22.70 -44.89 -13.15
C ASP C 127 -21.63 -44.19 -14.00
N ILE C 128 -20.44 -44.76 -14.08
CA ILE C 128 -19.39 -44.20 -14.90
C ILE C 128 -19.77 -44.23 -16.37
N ALA C 129 -20.22 -45.36 -16.86
CA ALA C 129 -20.57 -45.46 -18.25
C ALA C 129 -21.64 -44.46 -18.55
N SER C 130 -22.57 -44.31 -17.65
CA SER C 130 -23.70 -43.40 -17.83
C SER C 130 -23.28 -41.92 -17.85
N PHE C 131 -22.40 -41.56 -16.94
CA PHE C 131 -21.85 -40.20 -16.92
C PHE C 131 -21.13 -39.90 -18.22
N LEU C 132 -20.22 -40.78 -18.62
CA LEU C 132 -19.49 -40.58 -19.87
C LEU C 132 -20.44 -40.49 -21.05
N ARG C 133 -21.49 -41.32 -21.08
CA ARG C 133 -22.39 -41.34 -22.23
CA ARG C 133 -22.39 -41.34 -22.23
C ARG C 133 -23.08 -39.99 -22.29
N GLN C 134 -23.47 -39.48 -21.14
CA GLN C 134 -24.13 -38.19 -21.11
C GLN C 134 -23.20 -37.02 -21.50
N MET C 135 -21.98 -37.02 -20.99
CA MET C 135 -21.05 -35.96 -21.31
C MET C 135 -20.66 -36.01 -22.81
N HIS C 136 -20.31 -37.18 -23.29
CA HIS C 136 -19.90 -37.35 -24.68
C HIS C 136 -21.04 -37.05 -25.67
N GLY C 137 -22.28 -37.14 -25.20
CA GLY C 137 -23.41 -36.79 -26.00
C GLY C 137 -23.79 -35.33 -26.05
N LEU C 138 -23.12 -34.43 -25.35
CA LEU C 138 -23.58 -33.04 -25.35
C LEU C 138 -23.36 -32.35 -26.67
N ASP C 139 -24.32 -31.53 -27.06
CA ASP C 139 -24.13 -30.55 -28.09
C ASP C 139 -23.02 -29.62 -27.56
N TYR C 140 -21.87 -29.65 -28.24
CA TYR C 140 -20.72 -28.86 -27.82
C TYR C 140 -20.51 -27.56 -28.64
N THR C 141 -21.51 -27.14 -29.42
CA THR C 141 -21.43 -25.92 -30.26
C THR C 141 -20.99 -24.69 -29.47
N ASP C 142 -21.55 -24.52 -28.28
CA ASP C 142 -21.24 -23.39 -27.41
C ASP C 142 -19.82 -23.35 -26.80
N ILE C 143 -19.09 -24.45 -26.87
CA ILE C 143 -17.67 -24.47 -26.46
C ILE C 143 -16.84 -24.96 -27.64
N SER C 144 -17.20 -24.64 -28.88
CA SER C 144 -16.55 -25.30 -30.03
C SER C 144 -15.08 -24.89 -30.22
N GLU C 145 -14.70 -23.75 -29.68
CA GLU C 145 -13.30 -23.27 -29.59
C GLU C 145 -12.40 -24.16 -28.70
N CYS C 146 -12.95 -25.08 -27.91
CA CYS C 146 -12.15 -25.92 -27.03
C CYS C 146 -11.76 -27.26 -27.68
N THR C 147 -11.46 -27.27 -28.98
CA THR C 147 -11.02 -28.51 -29.64
C THR C 147 -9.59 -28.83 -29.31
N ILE C 148 -9.24 -30.12 -29.41
CA ILE C 148 -7.88 -30.55 -29.17
C ILE C 148 -7.60 -31.61 -30.19
N ASP C 149 -6.53 -31.43 -30.97
CA ASP C 149 -6.11 -32.40 -31.98
C ASP C 149 -4.79 -33.04 -31.51
N ASN C 150 -4.87 -34.23 -30.96
CA ASN C 150 -3.73 -34.89 -30.38
C ASN C 150 -2.67 -35.20 -31.43
N LYS C 151 -3.13 -35.66 -32.62
CA LYS C 151 -2.17 -36.06 -33.63
C LYS C 151 -1.35 -34.88 -34.11
N GLN C 152 -2.04 -33.78 -34.38
CA GLN C 152 -1.40 -32.60 -34.88
C GLN C 152 -0.45 -31.99 -33.84
N ASN C 153 -0.84 -32.05 -32.55
CA ASN C 153 0.05 -31.55 -31.50
C ASN C 153 1.37 -32.37 -31.48
N VAL C 154 1.26 -33.68 -31.63
CA VAL C 154 2.42 -34.53 -31.73
C VAL C 154 3.29 -34.23 -32.96
N LEU C 155 2.67 -34.03 -34.12
CA LEU C 155 3.47 -33.72 -35.28
C LEU C 155 4.28 -32.43 -35.03
N GLU C 156 3.64 -31.42 -34.41
CA GLU C 156 4.34 -30.18 -34.11
C GLU C 156 5.48 -30.36 -33.07
N GLU C 157 5.23 -31.20 -32.08
CA GLU C 157 6.24 -31.53 -31.10
C GLU C 157 7.42 -32.24 -31.76
N TYR C 158 7.16 -33.09 -32.77
CA TYR C 158 8.24 -33.77 -33.44
C TYR C 158 9.13 -32.79 -34.18
N ILE C 159 8.53 -31.79 -34.78
CA ILE C 159 9.32 -30.81 -35.48
C ILE C 159 10.23 -30.04 -34.49
N LEU C 160 9.66 -29.68 -33.34
CA LEU C 160 10.41 -29.03 -32.29
C LEU C 160 11.60 -29.87 -31.85
N LEU C 161 11.39 -31.17 -31.71
CA LEU C 161 12.54 -32.09 -31.41
C LEU C 161 13.61 -31.98 -32.45
N ARG C 162 13.21 -32.01 -33.72
CA ARG C 162 14.17 -31.98 -34.76
C ARG C 162 14.90 -30.68 -34.82
N GLU C 163 14.22 -29.58 -34.50
CA GLU C 163 14.87 -28.25 -34.43
C GLU C 163 15.82 -28.02 -33.22
N THR C 164 15.77 -28.85 -32.19
CA THR C 164 16.47 -28.60 -30.93
C THR C 164 17.41 -29.77 -30.65
N ILE C 165 16.97 -30.75 -29.88
CA ILE C 165 17.91 -31.72 -29.31
C ILE C 165 18.07 -33.06 -30.03
N TYR C 166 17.31 -33.29 -31.09
CA TYR C 166 17.28 -34.59 -31.72
C TYR C 166 18.63 -35.11 -32.10
N ASN C 167 19.42 -34.26 -32.71
CA ASN C 167 20.75 -34.66 -33.19
C ASN C 167 21.70 -35.10 -32.11
N ASP C 168 21.51 -34.66 -30.87
CA ASP C 168 22.27 -35.16 -29.72
C ASP C 168 21.71 -36.38 -29.03
N LEU C 169 20.65 -36.98 -29.52
CA LEU C 169 20.04 -38.13 -28.81
C LEU C 169 20.86 -39.36 -29.22
N THR C 170 20.77 -40.43 -28.43
CA THR C 170 21.37 -41.67 -28.82
C THR C 170 20.62 -42.33 -29.97
N ASP C 171 21.23 -43.32 -30.61
CA ASP C 171 20.59 -44.06 -31.65
C ASP C 171 19.35 -44.81 -31.09
N ILE C 172 19.45 -45.38 -29.90
CA ILE C 172 18.32 -46.07 -29.29
C ILE C 172 17.15 -45.10 -29.09
N GLU C 173 17.46 -43.89 -28.68
CA GLU C 173 16.45 -42.84 -28.46
C GLU C 173 15.83 -42.40 -29.78
N LYS C 174 16.68 -42.15 -30.76
CA LYS C 174 16.19 -41.85 -32.10
C LYS C 174 15.33 -42.95 -32.70
N ASP C 175 15.71 -44.21 -32.54
CA ASP C 175 14.89 -45.30 -33.07
C ASP C 175 13.52 -45.28 -32.42
N TYR C 176 13.46 -45.08 -31.10
CA TYR C 176 12.19 -45.07 -30.41
C TYR C 176 11.29 -43.98 -30.96
N ILE C 177 11.83 -42.78 -31.16
CA ILE C 177 11.04 -41.67 -31.66
C ILE C 177 10.58 -41.94 -33.09
N GLU C 178 11.48 -42.39 -33.97
CA GLU C 178 11.11 -42.65 -35.37
C GLU C 178 10.07 -43.76 -35.48
N SER C 179 10.18 -44.69 -34.58
CA SER C 179 9.35 -45.83 -34.66
C SER C 179 7.91 -45.42 -34.17
N PHE C 180 7.85 -44.55 -33.14
CA PHE C 180 6.62 -44.01 -32.71
C PHE C 180 5.96 -43.17 -33.80
N MET C 181 6.72 -42.33 -34.45
CA MET C 181 6.19 -41.48 -35.50
C MET C 181 5.66 -42.28 -36.68
N GLU C 182 6.30 -43.40 -36.99
CA GLU C 182 5.80 -44.29 -38.04
C GLU C 182 4.38 -44.81 -37.65
N ARG C 183 4.27 -45.21 -36.42
CA ARG C 183 3.01 -45.70 -35.90
C ARG C 183 1.92 -44.62 -35.87
N LEU C 184 2.29 -43.42 -35.47
CA LEU C 184 1.31 -42.33 -35.42
C LEU C 184 0.77 -41.98 -36.78
N ASN C 185 1.64 -42.09 -37.76
CA ASN C 185 1.29 -41.69 -39.09
C ASN C 185 0.41 -42.72 -39.77
N ALA C 186 0.56 -44.00 -39.39
CA ALA C 186 -0.23 -45.12 -39.97
C ALA C 186 -1.57 -45.31 -39.27
N THR C 187 -1.74 -44.89 -38.03
CA THR C 187 -2.87 -45.30 -37.26
C THR C 187 -4.18 -44.71 -37.72
N THR C 188 -5.27 -45.42 -37.44
CA THR C 188 -6.60 -44.93 -37.75
C THR C 188 -7.33 -44.48 -36.52
N VAL C 189 -6.76 -44.63 -35.33
CA VAL C 189 -7.52 -44.35 -34.13
C VAL C 189 -7.87 -42.92 -33.88
N PHE C 190 -7.31 -41.95 -34.65
CA PHE C 190 -7.74 -40.52 -34.52
C PHE C 190 -8.89 -40.16 -35.45
N GLU C 191 -9.43 -41.10 -36.18
CA GLU C 191 -10.39 -40.81 -37.24
C GLU C 191 -11.81 -41.18 -36.87
N GLY C 192 -12.08 -41.39 -35.59
CA GLY C 192 -13.42 -41.71 -35.11
C GLY C 192 -14.10 -40.50 -34.47
N LYS C 193 -15.13 -40.82 -33.71
CA LYS C 193 -15.99 -39.81 -33.12
C LYS C 193 -15.20 -38.85 -32.22
N LYS C 194 -15.45 -37.55 -32.42
CA LYS C 194 -15.00 -36.48 -31.53
C LYS C 194 -16.14 -36.03 -30.64
N CYS C 195 -15.83 -35.69 -29.40
CA CYS C 195 -16.80 -35.21 -28.45
C CYS C 195 -16.14 -34.55 -27.26
N LEU C 196 -16.92 -33.99 -26.36
CA LEU C 196 -16.39 -33.37 -25.17
C LEU C 196 -15.98 -34.42 -24.18
N CYS C 197 -14.70 -34.46 -23.84
CA CYS C 197 -14.16 -35.47 -22.90
C CYS C 197 -13.57 -34.79 -21.69
N HIS C 198 -13.64 -35.49 -20.58
CA HIS C 198 -12.98 -35.06 -19.36
C HIS C 198 -11.50 -34.90 -19.61
N ASN C 199 -10.94 -35.91 -20.26
CA ASN C 199 -9.56 -35.99 -20.75
C ASN C 199 -8.51 -36.15 -19.70
N ASP C 200 -8.88 -36.50 -18.46
CA ASP C 200 -7.91 -36.94 -17.44
C ASP C 200 -8.67 -37.84 -16.45
N PHE C 201 -9.39 -38.83 -17.01
CA PHE C 201 -10.44 -39.55 -16.28
C PHE C 201 -9.89 -40.76 -15.58
N SER C 202 -9.16 -40.51 -14.50
CA SER C 202 -8.46 -41.54 -13.77
C SER C 202 -9.13 -41.66 -12.46
N CYS C 203 -8.85 -42.70 -11.71
CA CYS C 203 -9.68 -42.91 -10.52
C CYS C 203 -9.36 -41.99 -9.35
N ASN C 204 -8.20 -41.35 -9.35
CA ASN C 204 -7.94 -40.22 -8.39
C ASN C 204 -8.79 -38.93 -8.65
N HIS C 205 -9.65 -38.92 -9.65
CA HIS C 205 -10.63 -37.86 -9.83
C HIS C 205 -12.08 -38.31 -9.66
N LEU C 206 -12.30 -39.53 -9.19
CA LEU C 206 -13.67 -40.03 -9.00
C LEU C 206 -13.96 -40.20 -7.55
N LEU C 207 -15.07 -39.60 -7.09
CA LEU C 207 -15.46 -39.59 -5.69
C LEU C 207 -16.62 -40.54 -5.44
N LEU C 208 -16.50 -41.30 -4.36
CA LEU C 208 -17.56 -42.17 -3.84
C LEU C 208 -18.19 -41.61 -2.60
N ASP C 209 -19.49 -41.83 -2.43
CA ASP C 209 -20.20 -41.49 -1.18
C ASP C 209 -20.12 -42.62 -0.17
N GLY C 210 -20.80 -42.49 0.99
CA GLY C 210 -20.82 -43.53 2.03
C GLY C 210 -21.35 -44.92 1.68
N ASN C 211 -22.07 -45.02 0.57
CA ASN C 211 -22.61 -46.28 0.01
C ASN C 211 -21.80 -46.82 -1.19
N ASN C 212 -20.59 -46.28 -1.39
CA ASN C 212 -19.74 -46.59 -2.57
C ASN C 212 -20.44 -46.38 -3.92
N ARG C 213 -21.31 -45.37 -4.02
CA ARG C 213 -21.81 -44.91 -5.31
C ARG C 213 -20.98 -43.76 -5.79
N LEU C 214 -20.89 -43.61 -7.10
CA LEU C 214 -20.19 -42.49 -7.70
C LEU C 214 -20.98 -41.27 -7.33
N THR C 215 -20.34 -40.34 -6.62
CA THR C 215 -21.00 -39.14 -6.18
C THR C 215 -20.43 -37.88 -6.82
N GLY C 216 -19.18 -37.90 -7.24
CA GLY C 216 -18.61 -36.75 -7.86
C GLY C 216 -17.43 -37.03 -8.74
N ILE C 217 -17.17 -36.08 -9.63
CA ILE C 217 -16.02 -36.10 -10.48
C ILE C 217 -15.38 -34.72 -10.50
N ILE C 218 -14.05 -34.71 -10.40
CA ILE C 218 -13.31 -33.46 -10.36
C ILE C 218 -12.29 -33.42 -11.45
N ASP C 219 -11.68 -32.27 -11.54
CA ASP C 219 -10.55 -31.93 -12.39
C ASP C 219 -10.86 -32.10 -13.82
N PHE C 220 -11.69 -31.20 -14.33
CA PHE C 220 -11.94 -31.09 -15.75
C PHE C 220 -10.97 -30.10 -16.37
N GLY C 221 -9.81 -29.86 -15.74
CA GLY C 221 -8.83 -28.95 -16.30
C GLY C 221 -8.22 -29.26 -17.68
N ASP C 222 -8.31 -30.46 -18.17
CA ASP C 222 -7.77 -30.78 -19.47
C ASP C 222 -8.90 -31.07 -20.45
N SER C 223 -10.15 -30.84 -20.04
CA SER C 223 -11.28 -31.18 -20.88
C SER C 223 -11.35 -30.41 -22.16
N GLY C 224 -11.96 -31.02 -23.16
CA GLY C 224 -12.02 -30.43 -24.52
C GLY C 224 -12.68 -31.39 -25.52
N ILE C 225 -12.83 -30.94 -26.74
CA ILE C 225 -13.46 -31.73 -27.77
C ILE C 225 -12.34 -32.44 -28.42
N ILE C 226 -12.40 -33.76 -28.34
CA ILE C 226 -11.28 -34.66 -28.68
C ILE C 226 -11.84 -36.03 -28.94
N ASP C 227 -11.01 -36.96 -29.34
CA ASP C 227 -11.48 -38.36 -29.55
C ASP C 227 -12.22 -38.95 -28.37
N GLU C 228 -13.39 -39.49 -28.66
CA GLU C 228 -14.16 -40.31 -27.73
C GLU C 228 -13.28 -41.32 -26.96
N TYR C 229 -12.31 -41.96 -27.65
CA TYR C 229 -11.43 -42.91 -26.96
C TYR C 229 -10.65 -42.35 -25.75
N CYS C 230 -10.44 -41.04 -25.71
CA CYS C 230 -9.62 -40.34 -24.68
C CYS C 230 -10.07 -40.63 -23.29
N ASP C 231 -11.38 -40.67 -23.04
CA ASP C 231 -11.85 -40.89 -21.69
C ASP C 231 -11.72 -42.30 -21.21
N PHE C 232 -11.18 -43.20 -22.01
CA PHE C 232 -10.97 -44.58 -21.55
C PHE C 232 -9.53 -44.90 -21.36
N ILE C 233 -8.61 -43.95 -21.56
CA ILE C 233 -7.20 -44.29 -21.45
C ILE C 233 -6.78 -44.74 -20.08
N TYR C 234 -7.31 -44.16 -19.02
CA TYR C 234 -6.92 -44.57 -17.66
C TYR C 234 -7.78 -45.71 -17.14
N LEU C 235 -9.04 -45.74 -17.52
CA LEU C 235 -9.90 -46.88 -17.24
C LEU C 235 -9.34 -48.17 -17.81
N LEU C 236 -8.64 -48.06 -18.94
CA LEU C 236 -7.95 -49.22 -19.54
C LEU C 236 -6.58 -49.54 -19.02
N GLU C 237 -5.99 -48.69 -18.21
CA GLU C 237 -4.56 -48.79 -17.84
C GLU C 237 -4.33 -49.88 -16.83
N ASP C 238 -3.24 -50.60 -17.05
CA ASP C 238 -2.80 -51.65 -16.14
C ASP C 238 -1.66 -51.02 -15.34
N SER C 239 -1.93 -50.66 -14.08
CA SER C 239 -0.94 -50.04 -13.18
C SER C 239 -1.42 -50.09 -11.74
N GLU C 240 -0.53 -49.80 -10.81
CA GLU C 240 -0.92 -49.70 -9.39
C GLU C 240 -1.95 -48.61 -9.09
N GLU C 241 -1.92 -47.49 -9.81
CA GLU C 241 -2.85 -46.38 -9.56
C GLU C 241 -4.25 -46.61 -10.07
N GLU C 242 -4.40 -47.48 -11.08
CA GLU C 242 -5.70 -47.71 -11.70
C GLU C 242 -6.22 -49.11 -11.38
N ILE C 243 -7.52 -49.29 -11.58
CA ILE C 243 -8.18 -50.51 -11.20
C ILE C 243 -7.85 -51.69 -12.07
N GLY C 244 -7.88 -51.49 -13.40
CA GLY C 244 -7.40 -52.51 -14.34
C GLY C 244 -8.18 -52.56 -15.66
N THR C 245 -7.54 -53.09 -16.70
CA THR C 245 -8.14 -53.29 -18.01
C THR C 245 -9.60 -53.88 -17.96
N ASN C 246 -9.87 -54.86 -17.09
CA ASN C 246 -11.19 -55.49 -17.03
C ASN C 246 -12.29 -54.52 -16.61
N PHE C 247 -11.96 -53.65 -15.67
CA PHE C 247 -12.81 -52.52 -15.28
C PHE C 247 -13.15 -51.67 -16.48
N GLY C 248 -12.11 -51.25 -17.24
CA GLY C 248 -12.30 -50.42 -18.41
C GLY C 248 -13.13 -51.15 -19.49
N GLU C 249 -12.83 -52.42 -19.72
CA GLU C 249 -13.55 -53.21 -20.70
C GLU C 249 -15.05 -53.32 -20.39
N ASP C 250 -15.40 -53.60 -19.12
CA ASP C 250 -16.82 -53.76 -18.77
C ASP C 250 -17.56 -52.45 -18.92
N ILE C 251 -16.86 -51.36 -18.55
CA ILE C 251 -17.40 -50.04 -18.69
C ILE C 251 -17.62 -49.73 -20.15
N LEU C 252 -16.70 -50.16 -20.99
CA LEU C 252 -16.86 -49.97 -22.43
C LEU C 252 -18.06 -50.76 -22.94
N ARG C 253 -18.28 -51.97 -22.43
CA ARG C 253 -19.45 -52.73 -22.85
C ARG C 253 -20.71 -52.03 -22.45
N MET C 254 -20.79 -51.55 -21.22
CA MET C 254 -21.97 -50.84 -20.77
C MET C 254 -22.17 -49.53 -21.54
N TYR C 255 -21.10 -48.85 -21.89
CA TYR C 255 -21.20 -47.58 -22.60
C TYR C 255 -21.75 -47.81 -24.02
N GLY C 256 -21.27 -48.87 -24.67
CA GLY C 256 -21.77 -49.34 -25.96
C GLY C 256 -21.29 -48.60 -27.17
N ASN C 257 -21.49 -49.22 -28.33
CA ASN C 257 -21.19 -48.61 -29.63
C ASN C 257 -19.79 -48.06 -29.64
N ILE C 258 -18.83 -48.87 -29.26
CA ILE C 258 -17.44 -48.42 -29.29
C ILE C 258 -16.52 -49.63 -29.45
N ASP C 259 -15.61 -49.51 -30.39
CA ASP C 259 -14.66 -50.55 -30.68
C ASP C 259 -13.61 -50.61 -29.54
N ILE C 260 -13.70 -51.61 -28.69
CA ILE C 260 -12.89 -51.74 -27.49
C ILE C 260 -11.41 -51.97 -27.83
N GLU C 261 -11.12 -52.71 -28.91
CA GLU C 261 -9.77 -52.98 -29.27
C GLU C 261 -9.11 -51.72 -29.77
N LYS C 262 -9.83 -50.87 -30.50
CA LYS C 262 -9.31 -49.56 -30.92
C LYS C 262 -9.12 -48.61 -29.75
N ALA C 263 -10.04 -48.59 -28.80
CA ALA C 263 -9.76 -47.90 -27.53
C ALA C 263 -8.46 -48.36 -26.91
N LYS C 264 -8.18 -49.61 -26.91
CA LYS C 264 -6.92 -50.11 -26.36
C LYS C 264 -5.74 -49.72 -27.23
N GLU C 265 -5.90 -49.74 -28.55
CA GLU C 265 -4.85 -49.27 -29.45
C GLU C 265 -4.54 -47.80 -29.15
N TYR C 266 -5.57 -46.97 -29.05
CA TYR C 266 -5.45 -45.56 -28.69
C TYR C 266 -4.67 -45.43 -27.41
N GLN C 267 -5.08 -46.13 -26.38
CA GLN C 267 -4.38 -46.04 -25.12
C GLN C 267 -2.92 -46.45 -25.26
N ASP C 268 -2.66 -47.48 -26.07
CA ASP C 268 -1.30 -47.97 -26.24
C ASP C 268 -0.42 -46.93 -26.96
N ILE C 269 -0.97 -46.24 -27.95
CA ILE C 269 -0.26 -45.20 -28.64
C ILE C 269 0.10 -44.04 -27.68
N VAL C 270 -0.86 -43.57 -26.91
CA VAL C 270 -0.62 -42.53 -25.95
C VAL C 270 0.42 -42.96 -24.95
N GLU C 271 0.38 -44.22 -24.52
CA GLU C 271 1.35 -44.70 -23.57
C GLU C 271 2.73 -44.71 -24.20
N GLU C 272 2.83 -45.09 -25.49
CA GLU C 272 4.12 -45.13 -26.16
C GLU C 272 4.68 -43.74 -26.26
N TYR C 273 3.80 -42.77 -26.39
CA TYR C 273 4.20 -41.39 -26.54
C TYR C 273 4.77 -40.72 -25.23
N TYR C 274 4.40 -41.24 -24.06
CA TYR C 274 4.66 -40.59 -22.79
C TYR C 274 6.08 -40.12 -22.61
N PRO C 275 7.10 -40.94 -22.91
CA PRO C 275 8.45 -40.43 -22.79
C PRO C 275 8.82 -39.27 -23.69
N ILE C 276 8.23 -39.21 -24.86
CA ILE C 276 8.52 -38.16 -25.80
C ILE C 276 7.79 -36.93 -25.29
N GLU C 277 6.57 -37.11 -24.78
CA GLU C 277 5.82 -36.02 -24.20
C GLU C 277 6.61 -35.37 -23.06
N THR C 278 7.28 -36.20 -22.28
CA THR C 278 8.05 -35.78 -21.16
C THR C 278 9.24 -34.96 -21.66
N ILE C 279 9.95 -35.45 -22.67
CA ILE C 279 11.08 -34.74 -23.26
C ILE C 279 10.64 -33.38 -23.79
N VAL C 280 9.56 -33.38 -24.51
CA VAL C 280 9.07 -32.14 -25.11
C VAL C 280 8.73 -31.09 -24.05
N TYR C 281 8.06 -31.51 -23.00
CA TYR C 281 7.76 -30.64 -21.86
C TYR C 281 9.07 -30.03 -21.30
N GLY C 282 10.11 -30.83 -21.20
CA GLY C 282 11.42 -30.36 -20.76
C GLY C 282 12.02 -29.29 -21.64
N ILE C 283 11.86 -29.42 -22.97
CA ILE C 283 12.43 -28.48 -23.92
C ILE C 283 11.66 -27.19 -23.81
N LYS C 284 10.35 -27.29 -23.86
CA LYS C 284 9.48 -26.10 -23.89
C LYS C 284 9.57 -25.25 -22.64
N ASN C 285 9.81 -25.89 -21.50
CA ASN C 285 9.81 -25.23 -20.21
C ASN C 285 11.24 -25.13 -19.65
N ILE C 286 12.22 -25.35 -20.51
CA ILE C 286 13.63 -25.32 -20.10
C ILE C 286 13.85 -26.04 -18.75
N LYS C 287 13.33 -27.26 -18.61
CA LYS C 287 13.56 -28.07 -17.40
C LYS C 287 14.32 -29.35 -17.78
N GLN C 288 15.62 -29.32 -17.65
CA GLN C 288 16.48 -30.44 -18.06
C GLN C 288 16.09 -31.77 -17.41
N GLU C 289 15.58 -31.78 -16.16
CA GLU C 289 15.29 -33.03 -15.49
C GLU C 289 14.21 -33.86 -16.25
N PHE C 290 13.31 -33.17 -16.91
CA PHE C 290 12.28 -33.80 -17.70
C PHE C 290 12.86 -34.38 -18.98
N ILE C 291 13.81 -33.70 -19.59
CA ILE C 291 14.49 -34.25 -20.76
C ILE C 291 15.17 -35.55 -20.33
N GLU C 292 15.91 -35.52 -19.22
CA GLU C 292 16.60 -36.69 -18.71
C GLU C 292 15.61 -37.83 -18.40
N ASN C 293 14.51 -37.52 -17.72
CA ASN C 293 13.52 -38.55 -17.34
C ASN C 293 12.88 -39.26 -18.56
N GLY C 294 12.56 -38.51 -19.59
CA GLY C 294 11.96 -39.09 -20.74
C GLY C 294 12.89 -39.99 -21.53
N ARG C 295 14.14 -39.57 -21.64
CA ARG C 295 15.15 -40.36 -22.30
C ARG C 295 15.38 -41.65 -21.54
N LYS C 296 15.46 -41.54 -20.22
CA LYS C 296 15.65 -42.72 -19.40
C LYS C 296 14.49 -43.67 -19.55
N GLU C 297 13.26 -43.12 -19.65
CA GLU C 297 12.07 -43.96 -19.80
C GLU C 297 12.06 -44.78 -21.12
N ILE C 298 12.64 -44.20 -22.17
CA ILE C 298 12.85 -44.86 -23.44
C ILE C 298 13.69 -46.12 -23.29
N TYR C 299 14.83 -46.02 -22.58
CA TYR C 299 15.68 -47.20 -22.32
C TYR C 299 14.91 -48.24 -21.51
N LYS C 300 14.15 -47.81 -20.49
CA LYS C 300 13.40 -48.75 -19.67
C LYS C 300 12.41 -49.57 -20.53
N ARG C 301 11.68 -48.88 -21.36
CA ARG C 301 10.75 -49.50 -22.29
C ARG C 301 11.40 -50.32 -23.39
N THR C 302 12.53 -49.86 -23.92
CA THR C 302 13.24 -50.59 -24.88
C THR C 302 13.73 -51.95 -24.31
N TYR C 303 14.09 -52.04 -23.04
CA TYR C 303 14.63 -53.27 -22.43
C TYR C 303 13.65 -54.12 -21.64
N LYS C 304 12.35 -53.75 -21.54
CA LYS C 304 11.32 -54.61 -20.87
C LYS C 304 11.16 -55.94 -21.71
N ASP C 305 10.55 -56.97 -21.15
CA ASP C 305 9.88 -58.07 -21.95
C ASP C 305 10.88 -59.19 -22.22
N ASP D 6 7.48 -30.17 -2.67
CA ASP D 6 8.42 -29.02 -2.49
C ASP D 6 7.70 -27.83 -1.87
N ASP D 7 7.69 -27.73 -0.52
CA ASP D 7 7.23 -26.50 0.22
C ASP D 7 8.26 -25.33 0.15
N ASN D 8 9.53 -25.63 -0.17
CA ASN D 8 10.57 -24.64 -0.54
C ASN D 8 10.14 -23.79 -1.79
N ALA D 9 9.92 -24.45 -2.93
CA ALA D 9 9.66 -23.78 -4.22
C ALA D 9 8.32 -23.05 -4.35
N THR D 10 7.26 -23.44 -3.58
CA THR D 10 5.92 -22.79 -3.75
C THR D 10 5.69 -21.58 -2.80
N ASN D 11 6.30 -21.61 -1.60
CA ASN D 11 6.18 -20.48 -0.67
C ASN D 11 6.90 -19.23 -1.22
N VAL D 12 7.99 -19.53 -1.86
CA VAL D 12 8.80 -18.56 -2.60
C VAL D 12 8.09 -17.93 -3.79
N LYS D 13 7.27 -18.69 -4.51
CA LYS D 13 6.50 -18.14 -5.65
C LYS D 13 5.50 -17.10 -5.21
N ALA D 14 4.78 -17.41 -4.14
CA ALA D 14 3.82 -16.46 -3.58
C ALA D 14 4.52 -15.17 -3.10
N MET D 15 5.69 -15.30 -2.45
CA MET D 15 6.39 -14.12 -1.97
C MET D 15 6.98 -13.31 -3.14
N LYS D 16 7.51 -14.01 -4.14
CA LYS D 16 7.94 -13.35 -5.38
C LYS D 16 6.81 -12.53 -5.96
N TYR D 17 5.60 -13.09 -5.95
CA TYR D 17 4.44 -12.37 -6.48
C TYR D 17 4.11 -11.12 -5.68
N LEU D 18 4.08 -11.26 -4.36
CA LEU D 18 3.76 -10.13 -3.51
C LEU D 18 4.78 -9.00 -3.62
N ILE D 19 6.07 -9.36 -3.70
CA ILE D 19 7.12 -8.36 -3.84
C ILE D 19 6.93 -7.60 -5.15
N GLU D 20 6.70 -8.32 -6.25
CA GLU D 20 6.54 -7.64 -7.53
C GLU D 20 5.27 -6.81 -7.59
N HIS D 21 4.23 -7.26 -6.87
CA HIS D 21 2.95 -6.54 -6.84
C HIS D 21 3.08 -5.23 -6.06
N TYR D 22 3.70 -5.31 -4.90
CA TYR D 22 3.76 -4.17 -3.97
C TYR D 22 4.91 -3.16 -4.20
N PHE D 23 6.01 -3.60 -4.82
CA PHE D 23 7.14 -2.74 -5.11
C PHE D 23 7.26 -2.73 -6.63
N ASP D 24 6.70 -1.65 -7.18
CA ASP D 24 6.49 -1.52 -8.60
C ASP D 24 7.85 -1.24 -9.16
N ASN D 25 8.15 -2.09 -10.13
CA ASN D 25 9.36 -2.14 -10.90
C ASN D 25 10.53 -2.81 -10.17
N PHE D 26 10.24 -3.47 -9.04
CA PHE D 26 11.18 -4.45 -8.49
C PHE D 26 10.99 -5.80 -9.21
N LYS D 27 12.09 -6.34 -9.78
CA LYS D 27 12.05 -7.62 -10.48
C LYS D 27 12.77 -8.67 -9.66
N VAL D 28 12.09 -9.77 -9.36
CA VAL D 28 12.71 -10.86 -8.62
C VAL D 28 13.35 -11.83 -9.57
N ASP D 29 14.69 -11.85 -9.62
CA ASP D 29 15.42 -12.80 -10.46
C ASP D 29 15.73 -14.07 -9.71
N SER D 30 15.96 -14.00 -8.41
CA SER D 30 16.10 -15.21 -7.60
C SER D 30 15.56 -14.91 -6.20
N ILE D 31 15.13 -15.96 -5.53
CA ILE D 31 14.59 -15.84 -4.20
C ILE D 31 14.70 -17.17 -3.49
N GLU D 32 15.32 -17.18 -2.33
CA GLU D 32 15.37 -18.36 -1.49
C GLU D 32 15.08 -17.98 -0.04
N ILE D 33 14.63 -18.96 0.72
CA ILE D 33 14.39 -18.80 2.15
C ILE D 33 15.74 -18.80 2.90
N ILE D 34 15.96 -17.81 3.76
CA ILE D 34 17.17 -17.72 4.57
C ILE D 34 16.89 -18.03 6.03
N GLY D 35 15.68 -17.76 6.48
CA GLY D 35 15.24 -18.34 7.74
C GLY D 35 13.81 -18.01 8.05
N SER D 36 13.34 -18.50 9.19
CA SER D 36 11.94 -18.34 9.57
C SER D 36 11.67 -18.65 11.05
N GLY D 37 10.91 -17.76 11.72
CA GLY D 37 10.27 -18.10 13.02
C GLY D 37 8.99 -18.87 12.78
N TYR D 38 8.17 -19.06 13.80
CA TYR D 38 6.85 -19.72 13.57
C TYR D 38 5.82 -18.68 13.07
N ASP D 39 6.17 -17.41 13.03
CA ASP D 39 5.27 -16.31 12.68
C ASP D 39 5.77 -15.45 11.50
N SER D 40 7.00 -15.69 11.05
CA SER D 40 7.57 -14.85 10.02
C SER D 40 8.48 -15.65 9.14
N VAL D 41 8.72 -15.16 7.93
CA VAL D 41 9.67 -15.80 7.06
C VAL D 41 10.55 -14.76 6.44
N ALA D 42 11.84 -15.08 6.34
CA ALA D 42 12.78 -14.19 5.70
C ALA D 42 13.40 -14.79 4.43
N TYR D 43 13.66 -13.95 3.43
CA TYR D 43 14.04 -14.36 2.10
C TYR D 43 15.24 -13.58 1.63
N LEU D 44 16.17 -14.24 0.95
CA LEU D 44 17.26 -13.59 0.25
C LEU D 44 16.84 -13.46 -1.22
N VAL D 45 16.72 -12.24 -1.71
CA VAL D 45 16.26 -11.93 -3.05
C VAL D 45 17.40 -11.34 -3.86
N ASN D 46 17.64 -11.88 -5.07
CA ASN D 46 18.67 -11.36 -6.01
C ASN D 46 20.10 -11.40 -5.41
N ASN D 47 20.31 -12.37 -4.50
CA ASN D 47 21.57 -12.52 -3.80
C ASN D 47 22.08 -11.23 -3.10
N GLU D 48 21.14 -10.31 -2.81
CA GLU D 48 21.46 -8.96 -2.40
C GLU D 48 20.57 -8.39 -1.27
N TYR D 49 19.25 -8.67 -1.34
CA TYR D 49 18.28 -8.09 -0.39
C TYR D 49 17.71 -9.13 0.55
N ILE D 50 17.58 -8.76 1.83
CA ILE D 50 16.78 -9.53 2.77
C ILE D 50 15.39 -8.93 2.76
N PHE D 51 14.38 -9.79 2.67
CA PHE D 51 13.01 -9.41 2.79
C PHE D 51 12.44 -10.22 3.97
N LYS D 52 12.11 -9.52 5.05
CA LYS D 52 11.39 -10.07 6.20
C LYS D 52 9.90 -9.90 5.92
N THR D 53 9.12 -10.92 6.21
CA THR D 53 7.68 -10.81 5.97
C THR D 53 6.91 -11.49 7.07
N LYS D 54 5.73 -10.94 7.31
CA LYS D 54 4.91 -11.39 8.41
C LYS D 54 3.46 -11.18 8.00
N PHE D 55 2.58 -12.14 8.31
CA PHE D 55 1.15 -11.98 8.14
C PHE D 55 0.43 -11.73 9.48
N SER D 56 0.10 -10.50 9.89
CA SER D 56 -0.51 -10.32 11.26
C SER D 56 -2.00 -10.40 11.25
N TYR D 63 5.25 -5.02 11.69
CA TYR D 63 6.62 -4.45 11.52
C TYR D 63 6.77 -2.90 11.60
N ALA D 64 5.74 -2.19 11.97
CA ALA D 64 5.85 -0.72 12.05
C ALA D 64 6.86 -0.26 13.10
N LYS D 65 6.83 -0.80 14.30
CA LYS D 65 7.81 -0.41 15.33
C LYS D 65 9.23 -0.78 14.91
N GLU D 66 9.40 -1.93 14.30
CA GLU D 66 10.72 -2.37 13.90
C GLU D 66 11.29 -1.41 12.85
N LYS D 67 10.46 -0.99 11.92
CA LYS D 67 10.84 0.03 10.95
C LYS D 67 11.25 1.35 11.60
N ALA D 68 10.45 1.82 12.55
CA ALA D 68 10.72 3.08 13.27
C ALA D 68 12.04 2.98 14.00
N ILE D 69 12.35 1.81 14.54
CA ILE D 69 13.59 1.62 15.22
C ILE D 69 14.77 1.65 14.28
N TYR D 70 14.71 0.97 13.13
CA TYR D 70 15.84 1.03 12.21
C TYR D 70 16.03 2.48 11.72
N ASN D 71 14.93 3.18 11.48
CA ASN D 71 15.02 4.51 10.92
C ASN D 71 15.63 5.42 12.01
N PHE D 72 15.19 5.28 13.26
CA PHE D 72 15.75 6.03 14.39
C PHE D 72 17.21 5.74 14.63
N LEU D 73 17.63 4.46 14.53
CA LEU D 73 19.01 4.12 14.81
C LEU D 73 19.93 4.55 13.68
N ASN D 74 19.48 4.45 12.41
CA ASN D 74 20.37 4.78 11.30
C ASN D 74 20.60 6.31 11.27
N THR D 75 19.65 7.10 11.78
CA THR D 75 19.89 8.52 12.02
C THR D 75 20.89 8.83 13.15
N ASN D 76 20.74 8.19 14.31
CA ASN D 76 21.36 8.66 15.55
C ASN D 76 22.58 7.88 16.02
N LEU D 77 22.74 6.62 15.61
CA LEU D 77 23.93 5.86 16.03
C LEU D 77 25.16 6.31 15.27
N GLU D 78 26.28 6.49 15.97
CA GLU D 78 27.56 6.68 15.36
C GLU D 78 28.38 5.42 15.61
N THR D 79 28.56 4.60 14.62
CA THR D 79 29.17 3.29 14.84
C THR D 79 29.59 2.73 13.51
N ASN D 80 30.60 1.89 13.53
CA ASN D 80 30.98 1.16 12.32
C ASN D 80 30.21 -0.14 12.17
N VAL D 81 29.47 -0.54 13.22
CA VAL D 81 28.71 -1.77 13.19
C VAL D 81 27.46 -1.53 12.33
N LYS D 82 27.23 -2.38 11.35
CA LYS D 82 26.13 -2.19 10.43
C LYS D 82 24.83 -2.77 10.98
N ILE D 83 23.73 -2.11 10.67
CA ILE D 83 22.39 -2.63 10.99
C ILE D 83 21.46 -2.55 9.76
N PRO D 84 20.35 -3.28 9.76
CA PRO D 84 19.42 -3.15 8.63
C PRO D 84 19.06 -1.69 8.33
N ASN D 85 19.14 -1.33 7.05
CA ASN D 85 18.76 -0.04 6.57
C ASN D 85 17.64 -0.20 5.52
N ILE D 86 16.44 0.14 5.93
CA ILE D 86 15.24 -0.28 5.20
C ILE D 86 15.05 0.49 3.91
N GLU D 87 15.12 -0.19 2.78
CA GLU D 87 14.79 0.41 1.46
C GLU D 87 13.41 0.09 0.94
N TYR D 88 12.81 -1.00 1.36
CA TYR D 88 11.46 -1.39 0.89
C TYR D 88 10.57 -1.70 2.08
N SER D 89 9.40 -1.08 2.12
CA SER D 89 8.49 -1.39 3.19
C SER D 89 7.10 -1.36 2.67
N TYR D 90 6.31 -2.37 3.05
CA TYR D 90 4.85 -2.34 2.91
C TYR D 90 4.29 -2.79 4.24
N ILE D 91 3.39 -1.99 4.79
CA ILE D 91 2.85 -2.22 6.11
C ILE D 91 1.36 -2.06 6.08
N SER D 92 0.64 -3.13 6.44
CA SER D 92 -0.81 -3.14 6.52
C SER D 92 -1.19 -4.06 7.67
N ASP D 93 -2.48 -4.09 8.02
CA ASP D 93 -2.96 -4.92 9.13
C ASP D 93 -2.62 -6.40 8.88
N GLU D 94 -2.82 -6.90 7.65
CA GLU D 94 -2.72 -8.32 7.38
C GLU D 94 -1.34 -8.75 6.83
N LEU D 95 -0.51 -7.80 6.42
CA LEU D 95 0.78 -8.13 5.82
C LEU D 95 1.79 -7.03 6.01
N SER D 96 3.02 -7.42 6.38
CA SER D 96 4.13 -6.48 6.46
C SER D 96 5.37 -7.09 5.86
N ILE D 97 6.08 -6.25 5.11
CA ILE D 97 7.28 -6.63 4.45
C ILE D 97 8.29 -5.52 4.68
N LEU D 98 9.50 -5.90 5.07
CA LEU D 98 10.67 -5.01 5.14
C LEU D 98 11.75 -5.59 4.29
N GLY D 99 12.35 -4.74 3.47
CA GLY D 99 13.42 -5.15 2.55
C GLY D 99 14.63 -4.21 2.81
N TYR D 100 15.82 -4.79 2.89
CA TYR D 100 17.06 -4.05 3.12
C TYR D 100 18.18 -4.88 2.55
N LYS D 101 19.33 -4.25 2.32
CA LYS D 101 20.49 -4.97 1.81
C LYS D 101 21.08 -5.90 2.86
N GLU D 102 21.33 -7.14 2.45
CA GLU D 102 22.02 -8.13 3.30
C GLU D 102 23.29 -7.56 3.91
N ILE D 103 23.42 -7.69 5.22
CA ILE D 103 24.67 -7.40 5.89
C ILE D 103 25.53 -8.64 5.75
N LYS D 104 26.73 -8.49 5.22
CA LYS D 104 27.62 -9.63 4.97
C LYS D 104 28.47 -9.90 6.19
N GLY D 105 28.69 -11.15 6.48
CA GLY D 105 29.44 -11.59 7.64
C GLY D 105 29.07 -13.03 7.96
N THR D 106 29.64 -13.55 9.03
CA THR D 106 29.39 -14.89 9.53
C THR D 106 28.86 -14.74 10.96
N PHE D 107 27.85 -15.51 11.29
CA PHE D 107 27.22 -15.38 12.60
C PHE D 107 28.11 -15.96 13.69
N LEU D 108 28.19 -15.25 14.81
CA LEU D 108 28.91 -15.72 15.98
C LEU D 108 28.28 -16.98 16.55
N THR D 109 29.11 -17.93 16.91
CA THR D 109 28.65 -19.16 17.57
C THR D 109 29.66 -19.51 18.63
N PRO D 110 29.30 -20.38 19.56
CA PRO D 110 30.29 -20.94 20.52
C PRO D 110 31.53 -21.54 19.88
N GLU D 111 31.33 -22.27 18.80
CA GLU D 111 32.40 -23.03 18.18
C GLU D 111 33.41 -22.04 17.57
N ILE D 112 32.91 -20.98 16.96
CA ILE D 112 33.78 -19.95 16.39
C ILE D 112 34.52 -19.20 17.50
N TYR D 113 33.81 -18.86 18.57
CA TYR D 113 34.43 -18.14 19.68
C TYR D 113 35.63 -18.92 20.29
N SER D 114 35.47 -20.23 20.46
CA SER D 114 36.53 -21.04 21.06
C SER D 114 37.78 -21.12 20.17
N THR D 115 37.66 -20.92 18.87
CA THR D 115 38.82 -20.85 17.95
C THR D 115 39.49 -19.45 17.86
N MET D 116 38.89 -18.43 18.46
CA MET D 116 39.45 -17.08 18.36
C MET D 116 40.59 -16.96 19.38
N SER D 117 41.61 -16.17 19.03
CA SER D 117 42.71 -15.89 19.95
C SER D 117 42.18 -15.09 21.15
N GLU D 118 42.94 -15.08 22.25
CA GLU D 118 42.56 -14.30 23.44
C GLU D 118 42.35 -12.83 23.04
N GLU D 119 43.24 -12.29 22.19
CA GLU D 119 43.11 -10.92 21.72
C GLU D 119 41.88 -10.71 20.85
N GLU D 120 41.64 -11.54 19.85
CA GLU D 120 40.38 -11.50 19.08
C GLU D 120 39.11 -11.51 19.96
N GLN D 121 39.10 -12.36 20.98
CA GLN D 121 37.99 -12.40 21.92
C GLN D 121 37.83 -11.11 22.69
N ASN D 122 38.94 -10.60 23.25
CA ASN D 122 38.90 -9.33 23.94
C ASN D 122 38.34 -8.21 23.03
N LEU D 123 38.77 -8.16 21.78
CA LEU D 123 38.30 -7.09 20.87
C LEU D 123 36.79 -7.23 20.61
N LEU D 124 36.34 -8.47 20.41
CA LEU D 124 34.92 -8.72 20.25
C LEU D 124 34.13 -8.26 21.46
N LYS D 125 34.61 -8.59 22.65
CA LYS D 125 33.90 -8.19 23.87
C LYS D 125 33.86 -6.70 23.97
N ARG D 126 34.95 -6.02 23.65
CA ARG D 126 34.97 -4.57 23.69
C ARG D 126 34.02 -3.99 22.68
N ASP D 127 33.99 -4.57 21.47
CA ASP D 127 33.11 -4.05 20.42
C ASP D 127 31.65 -4.16 20.85
N ILE D 128 31.28 -5.29 21.46
CA ILE D 128 29.94 -5.49 21.96
C ILE D 128 29.62 -4.48 23.06
N ALA D 129 30.50 -4.40 24.04
CA ALA D 129 30.23 -3.51 25.14
C ALA D 129 30.08 -2.09 24.62
N SER D 130 30.89 -1.75 23.66
CA SER D 130 30.89 -0.42 23.08
C SER D 130 29.59 -0.10 22.31
N PHE D 131 29.15 -1.07 21.51
CA PHE D 131 27.89 -0.92 20.80
C PHE D 131 26.74 -0.71 21.78
N LEU D 132 26.65 -1.61 22.76
CA LEU D 132 25.58 -1.50 23.77
C LEU D 132 25.66 -0.16 24.51
N ARG D 133 26.87 0.31 24.84
CA ARG D 133 27.01 1.54 25.62
CA ARG D 133 26.98 1.54 25.64
C ARG D 133 26.44 2.67 24.77
N GLN D 134 26.77 2.66 23.50
CA GLN D 134 26.29 3.71 22.65
C GLN D 134 24.76 3.65 22.41
N MET D 135 24.20 2.47 22.20
CA MET D 135 22.78 2.35 21.99
C MET D 135 21.99 2.73 23.26
N HIS D 136 22.41 2.18 24.39
CA HIS D 136 21.74 2.44 25.65
C HIS D 136 21.84 3.89 26.08
N GLY D 137 22.84 4.60 25.57
CA GLY D 137 22.98 6.01 25.81
C GLY D 137 22.12 6.95 24.98
N LEU D 138 21.39 6.48 23.98
CA LEU D 138 20.68 7.41 23.12
C LEU D 138 19.49 8.04 23.80
N ASP D 139 19.31 9.34 23.53
CA ASP D 139 18.08 10.01 23.86
C ASP D 139 17.02 9.34 22.99
N TYR D 140 16.07 8.70 23.65
CA TYR D 140 15.00 7.96 22.97
C TYR D 140 13.65 8.71 22.87
N THR D 141 13.65 10.03 23.09
CA THR D 141 12.40 10.85 23.04
C THR D 141 11.59 10.63 21.74
N ASP D 142 12.32 10.61 20.63
CA ASP D 142 11.78 10.45 19.29
C ASP D 142 11.14 9.06 18.99
N ILE D 143 11.39 8.05 19.82
CA ILE D 143 10.74 6.76 19.70
C ILE D 143 10.06 6.42 21.03
N SER D 144 9.52 7.41 21.73
CA SER D 144 9.10 7.15 23.13
C SER D 144 7.87 6.25 23.22
N GLU D 145 7.08 6.14 22.13
CA GLU D 145 5.96 5.19 22.05
C GLU D 145 6.40 3.70 22.09
N CYS D 146 7.71 3.40 21.92
CA CYS D 146 8.16 2.03 21.81
C CYS D 146 8.60 1.44 23.15
N THR D 147 7.87 1.77 24.23
CA THR D 147 8.19 1.22 25.55
C THR D 147 7.71 -0.23 25.67
N ILE D 148 8.36 -0.98 26.55
CA ILE D 148 7.98 -2.35 26.79
C ILE D 148 8.11 -2.58 28.26
N ASP D 149 7.02 -3.08 28.86
CA ASP D 149 6.94 -3.40 30.27
C ASP D 149 6.88 -4.92 30.43
N ASN D 150 8.00 -5.52 30.77
CA ASN D 150 8.06 -6.99 30.88
C ASN D 150 7.21 -7.50 31.99
N LYS D 151 7.13 -6.79 33.10
CA LYS D 151 6.33 -7.29 34.24
C LYS D 151 4.87 -7.38 33.89
N GLN D 152 4.38 -6.30 33.28
CA GLN D 152 3.00 -6.23 32.86
C GLN D 152 2.69 -7.22 31.74
N ASN D 153 3.63 -7.47 30.84
CA ASN D 153 3.44 -8.51 29.79
C ASN D 153 3.27 -9.89 30.44
N VAL D 154 4.07 -10.17 31.47
CA VAL D 154 3.91 -11.42 32.20
C VAL D 154 2.58 -11.48 32.92
N LEU D 155 2.18 -10.41 33.58
CA LEU D 155 0.87 -10.45 34.25
C LEU D 155 -0.23 -10.77 33.22
N GLU D 156 -0.18 -10.17 32.02
CA GLU D 156 -1.17 -10.43 30.99
C GLU D 156 -1.13 -11.88 30.47
N GLU D 157 0.07 -12.42 30.32
CA GLU D 157 0.20 -13.81 29.96
C GLU D 157 -0.32 -14.73 31.06
N TYR D 158 -0.13 -14.34 32.30
CA TYR D 158 -0.61 -15.14 33.43
C TYR D 158 -2.10 -15.14 33.44
N ILE D 159 -2.73 -14.01 33.12
CA ILE D 159 -4.19 -14.00 33.08
C ILE D 159 -4.72 -14.92 31.98
N LEU D 160 -4.06 -14.92 30.84
CA LEU D 160 -4.43 -15.80 29.75
C LEU D 160 -4.32 -17.28 30.21
N LEU D 161 -3.26 -17.62 30.94
CA LEU D 161 -3.18 -18.97 31.55
C LEU D 161 -4.36 -19.25 32.42
N ARG D 162 -4.73 -18.31 33.28
CA ARG D 162 -5.83 -18.52 34.20
C ARG D 162 -7.12 -18.68 33.45
N GLU D 163 -7.30 -17.95 32.34
CA GLU D 163 -8.51 -18.07 31.50
C GLU D 163 -8.60 -19.35 30.66
N THR D 164 -7.52 -20.11 30.50
CA THR D 164 -7.46 -21.26 29.61
C THR D 164 -7.07 -22.50 30.40
N ILE D 165 -5.79 -22.87 30.41
CA ILE D 165 -5.39 -24.20 30.87
C ILE D 165 -4.90 -24.38 32.29
N TYR D 166 -4.78 -23.29 33.04
CA TYR D 166 -4.23 -23.34 34.39
C TYR D 166 -4.88 -24.37 35.27
N ASN D 167 -6.21 -24.42 35.23
CA ASN D 167 -6.95 -25.33 36.09
C ASN D 167 -6.68 -26.79 35.85
N ASP D 168 -6.26 -27.15 34.64
CA ASP D 168 -5.87 -28.53 34.32
C ASP D 168 -4.40 -28.84 34.54
N LEU D 169 -3.60 -27.91 35.08
CA LEU D 169 -2.18 -28.20 35.26
C LEU D 169 -2.05 -29.02 36.55
N THR D 170 -0.94 -29.74 36.68
CA THR D 170 -0.70 -30.47 37.90
C THR D 170 -0.32 -29.51 39.04
N ASP D 171 -0.34 -30.02 40.27
CA ASP D 171 0.06 -29.24 41.41
C ASP D 171 1.52 -28.79 41.30
N ILE D 172 2.39 -29.66 40.83
CA ILE D 172 3.80 -29.32 40.65
C ILE D 172 3.95 -28.17 39.67
N GLU D 173 3.16 -28.20 38.60
CA GLU D 173 3.19 -27.16 37.57
C GLU D 173 2.64 -25.84 38.11
N LYS D 174 1.51 -25.92 38.80
CA LYS D 174 0.96 -24.76 39.47
C LYS D 174 1.89 -24.15 40.48
N ASP D 175 2.56 -24.97 41.29
CA ASP D 175 3.51 -24.42 42.25
C ASP D 175 4.63 -23.67 41.54
N TYR D 176 5.15 -24.21 40.45
CA TYR D 176 6.21 -23.53 39.71
C TYR D 176 5.75 -22.18 39.24
N ILE D 177 4.56 -22.11 38.68
CA ILE D 177 4.05 -20.83 38.15
C ILE D 177 3.80 -19.85 39.29
N GLU D 178 3.17 -20.28 40.38
CA GLU D 178 2.90 -19.37 41.52
C GLU D 178 4.15 -18.90 42.18
N SER D 179 5.15 -19.76 42.16
CA SER D 179 6.37 -19.43 42.82
C SER D 179 7.12 -18.38 41.96
N PHE D 180 7.05 -18.53 40.64
CA PHE D 180 7.56 -17.51 39.75
C PHE D 180 6.85 -16.17 39.93
N MET D 181 5.53 -16.18 40.00
CA MET D 181 4.76 -14.94 40.17
C MET D 181 5.09 -14.26 41.49
N GLU D 182 5.34 -15.04 42.53
CA GLU D 182 5.76 -14.46 43.82
C GLU D 182 7.11 -13.76 43.68
N ARG D 183 8.02 -14.38 42.96
CA ARG D 183 9.32 -13.79 42.70
C ARG D 183 9.21 -12.53 41.86
N LEU D 184 8.36 -12.54 40.85
CA LEU D 184 8.20 -11.36 40.01
C LEU D 184 7.68 -10.17 40.79
N ASN D 185 6.84 -10.46 41.75
CA ASN D 185 6.20 -9.43 42.52
C ASN D 185 7.18 -8.80 43.53
N ALA D 186 8.09 -9.62 44.05
CA ALA D 186 9.08 -9.21 45.05
C ALA D 186 10.33 -8.57 44.47
N THR D 187 10.65 -8.84 43.22
CA THR D 187 11.96 -8.40 42.70
C THR D 187 12.04 -6.90 42.52
N THR D 188 13.25 -6.39 42.56
CA THR D 188 13.56 -5.00 42.34
C THR D 188 14.21 -4.77 41.00
N VAL D 189 14.45 -5.82 40.20
CA VAL D 189 15.20 -5.64 38.99
C VAL D 189 14.51 -4.83 37.90
N PHE D 190 13.20 -4.51 38.05
CA PHE D 190 12.53 -3.62 37.09
C PHE D 190 12.63 -2.13 37.43
N GLU D 191 13.35 -1.79 38.48
CA GLU D 191 13.30 -0.44 39.03
C GLU D 191 14.57 0.37 38.71
N GLY D 192 15.34 -0.05 37.74
CA GLY D 192 16.57 0.64 37.37
C GLY D 192 16.37 1.43 36.07
N LYS D 193 17.51 1.75 35.49
CA LYS D 193 17.58 2.49 34.26
C LYS D 193 16.81 1.76 33.15
N LYS D 194 16.00 2.56 32.44
CA LYS D 194 15.37 2.20 31.18
C LYS D 194 16.13 2.83 30.05
N CYS D 195 16.22 2.12 28.94
CA CYS D 195 16.85 2.62 27.75
C CYS D 195 16.43 1.80 26.55
N LEU D 196 16.86 2.22 25.37
CA LEU D 196 16.58 1.50 24.15
C LEU D 196 17.49 0.29 24.10
N CYS D 197 16.88 -0.90 24.08
CA CYS D 197 17.62 -2.16 24.02
C CYS D 197 17.27 -2.91 22.78
N HIS D 198 18.24 -3.65 22.29
CA HIS D 198 18.01 -4.58 21.20
C HIS D 198 16.91 -5.56 21.57
N ASN D 199 17.05 -6.11 22.77
CA ASN D 199 16.08 -6.97 23.46
C ASN D 199 15.96 -8.38 22.87
N ASP D 200 16.87 -8.80 22.02
CA ASP D 200 16.99 -10.21 21.62
C ASP D 200 18.46 -10.46 21.22
N PHE D 201 19.37 -10.05 22.09
CA PHE D 201 20.77 -9.81 21.76
C PHE D 201 21.58 -11.08 22.02
N SER D 202 21.41 -12.03 21.14
CA SER D 202 21.96 -13.37 21.30
C SER D 202 22.95 -13.50 20.19
N CYS D 203 23.80 -14.51 20.26
CA CYS D 203 24.87 -14.52 19.27
C CYS D 203 24.47 -14.91 17.83
N ASN D 204 23.31 -15.55 17.67
CA ASN D 204 22.72 -15.72 16.32
C ASN D 204 22.22 -14.41 15.63
N HIS D 205 22.36 -13.26 16.28
CA HIS D 205 22.13 -11.96 15.62
C HIS D 205 23.36 -11.11 15.49
N LEU D 206 24.52 -11.65 15.80
CA LEU D 206 25.75 -10.88 15.69
C LEU D 206 26.61 -11.41 14.58
N LEU D 207 27.02 -10.51 13.68
CA LEU D 207 27.78 -10.86 12.50
C LEU D 207 29.25 -10.46 12.66
N LEU D 208 30.14 -11.37 12.29
CA LEU D 208 31.58 -11.16 12.26
C LEU D 208 32.09 -11.01 10.85
N ASP D 209 33.12 -10.17 10.68
CA ASP D 209 33.87 -10.06 9.41
C ASP D 209 35.00 -11.12 9.36
N GLY D 210 35.82 -11.09 8.30
CA GLY D 210 36.94 -12.05 8.14
C GLY D 210 38.04 -12.08 9.21
N ASN D 211 38.12 -11.03 10.03
CA ASN D 211 39.03 -10.95 11.18
C ASN D 211 38.36 -11.23 12.55
N ASN D 212 37.16 -11.81 12.51
CA ASN D 212 36.34 -12.03 13.69
C ASN D 212 36.07 -10.77 14.54
N ARG D 213 35.94 -9.61 13.88
CA ARG D 213 35.45 -8.41 14.54
C ARG D 213 33.94 -8.30 14.28
N LEU D 214 33.24 -7.70 15.23
CA LEU D 214 31.84 -7.45 15.10
C LEU D 214 31.64 -6.50 13.95
N THR D 215 30.89 -6.94 12.95
CA THR D 215 30.64 -6.13 11.78
C THR D 215 29.18 -5.76 11.60
N GLY D 216 28.26 -6.56 12.12
CA GLY D 216 26.83 -6.23 11.98
C GLY D 216 25.99 -6.85 13.07
N ILE D 217 24.83 -6.24 13.27
CA ILE D 217 23.81 -6.73 14.19
C ILE D 217 22.44 -6.64 13.50
N ILE D 218 21.65 -7.69 13.64
CA ILE D 218 20.37 -7.77 12.97
C ILE D 218 19.29 -8.05 13.98
N ASP D 219 18.08 -7.97 13.44
CA ASP D 219 16.85 -8.33 14.12
C ASP D 219 16.63 -7.50 15.36
N PHE D 220 16.30 -6.25 15.10
CA PHE D 220 15.83 -5.35 16.14
C PHE D 220 14.31 -5.43 16.26
N GLY D 221 13.71 -6.53 15.86
CA GLY D 221 12.26 -6.69 15.96
C GLY D 221 11.62 -6.75 17.30
N ASP D 222 12.36 -6.98 18.36
CA ASP D 222 11.76 -6.92 19.71
C ASP D 222 12.32 -5.71 20.45
N SER D 223 13.06 -4.84 19.77
CA SER D 223 13.65 -3.68 20.44
C SER D 223 12.63 -2.73 20.97
N GLY D 224 13.04 -2.02 22.01
CA GLY D 224 12.21 -1.04 22.65
C GLY D 224 12.89 -0.43 23.86
N ILE D 225 12.15 0.43 24.53
CA ILE D 225 12.66 1.09 25.71
C ILE D 225 12.22 0.18 26.82
N ILE D 226 13.21 -0.34 27.53
CA ILE D 226 13.02 -1.39 28.50
C ILE D 226 14.24 -1.38 29.43
N ASP D 227 14.25 -2.21 30.44
CA ASP D 227 15.38 -2.29 31.37
C ASP D 227 16.72 -2.50 30.69
N GLU D 228 17.67 -1.65 31.06
CA GLU D 228 19.07 -1.80 30.69
C GLU D 228 19.59 -3.24 30.77
N TYR D 229 19.18 -3.96 31.82
CA TYR D 229 19.62 -5.35 32.03
C TYR D 229 19.24 -6.32 30.89
N CYS D 230 18.21 -5.97 30.11
CA CYS D 230 17.65 -6.85 29.04
C CYS D 230 18.66 -7.26 28.04
N ASP D 231 19.56 -6.37 27.64
CA ASP D 231 20.54 -6.70 26.64
C ASP D 231 21.65 -7.60 27.11
N PHE D 232 21.63 -8.00 28.38
CA PHE D 232 22.65 -8.92 28.85
C PHE D 232 22.11 -10.32 29.11
N ILE D 233 20.81 -10.54 28.88
CA ILE D 233 20.25 -11.83 29.26
C ILE D 233 20.83 -13.00 28.47
N TYR D 234 21.14 -12.82 27.19
CA TYR D 234 21.67 -13.96 26.42
C TYR D 234 23.21 -14.02 26.51
N LEU D 235 23.84 -12.86 26.62
CA LEU D 235 25.26 -12.81 26.90
C LEU D 235 25.59 -13.54 28.20
N LEU D 236 24.71 -13.49 29.18
CA LEU D 236 24.89 -14.23 30.41
C LEU D 236 24.46 -15.70 30.42
N GLU D 237 23.82 -16.18 29.37
CA GLU D 237 23.18 -17.50 29.38
C GLU D 237 24.17 -18.62 29.27
N ASP D 238 23.92 -19.67 30.04
CA ASP D 238 24.70 -20.87 29.99
C ASP D 238 23.85 -21.89 29.20
N SER D 239 24.21 -22.12 27.93
CA SER D 239 23.48 -23.05 27.03
C SER D 239 24.31 -23.40 25.83
N GLU D 240 23.90 -24.40 25.06
CA GLU D 240 24.61 -24.73 23.81
C GLU D 240 24.59 -23.61 22.75
N GLU D 241 23.54 -22.81 22.71
CA GLU D 241 23.43 -21.74 21.71
C GLU D 241 24.28 -20.51 22.02
N GLU D 242 24.60 -20.30 23.29
CA GLU D 242 25.32 -19.10 23.69
C GLU D 242 26.71 -19.46 24.21
N ILE D 243 27.54 -18.43 24.33
CA ILE D 243 28.93 -18.59 24.63
C ILE D 243 29.21 -18.99 26.05
N GLY D 244 28.61 -18.30 27.01
CA GLY D 244 28.78 -18.62 28.44
C GLY D 244 28.68 -17.42 29.40
N THR D 245 28.30 -17.70 30.65
CA THR D 245 28.29 -16.67 31.71
C THR D 245 29.54 -15.77 31.77
N ASN D 246 30.71 -16.37 31.59
CA ASN D 246 31.97 -15.62 31.65
C ASN D 246 32.10 -14.57 30.56
N PHE D 247 31.64 -14.89 29.38
CA PHE D 247 31.49 -13.96 28.26
C PHE D 247 30.64 -12.76 28.67
N GLY D 248 29.47 -13.03 29.23
CA GLY D 248 28.58 -11.96 29.67
C GLY D 248 29.15 -11.14 30.81
N GLU D 249 29.77 -11.81 31.77
CA GLU D 249 30.40 -11.12 32.89
C GLU D 249 31.50 -10.15 32.44
N ASP D 250 32.38 -10.59 31.52
CA ASP D 250 33.48 -9.74 31.08
C ASP D 250 32.96 -8.54 30.31
N ILE D 251 31.92 -8.79 29.51
CA ILE D 251 31.27 -7.74 28.77
C ILE D 251 30.66 -6.74 29.71
N LEU D 252 30.08 -7.24 30.79
CA LEU D 252 29.51 -6.35 31.78
C LEU D 252 30.61 -5.51 32.42
N ARG D 253 31.77 -6.08 32.68
CA ARG D 253 32.86 -5.30 33.26
C ARG D 253 33.31 -4.23 32.30
N MET D 254 33.48 -4.57 31.03
CA MET D 254 33.88 -3.58 30.04
C MET D 254 32.81 -2.52 29.84
N TYR D 255 31.54 -2.87 29.92
CA TYR D 255 30.48 -1.90 29.72
C TYR D 255 30.47 -0.90 30.87
N GLY D 256 30.67 -1.39 32.10
CA GLY D 256 30.80 -0.56 33.29
C GLY D 256 29.52 0.00 33.87
N ASN D 257 29.59 0.44 35.12
CA ASN D 257 28.49 1.22 35.76
C ASN D 257 27.18 0.49 35.61
N ILE D 258 27.18 -0.75 36.06
CA ILE D 258 25.99 -1.56 36.05
C ILE D 258 26.13 -2.64 37.12
N ASP D 259 25.07 -2.84 37.89
CA ASP D 259 25.06 -3.81 38.94
C ASP D 259 24.99 -5.22 38.33
N ILE D 260 26.11 -5.94 38.38
CA ILE D 260 26.25 -7.26 37.75
C ILE D 260 25.36 -8.30 38.40
N GLU D 261 25.17 -8.23 39.73
CA GLU D 261 24.34 -9.21 40.40
C GLU D 261 22.90 -9.06 39.99
N LYS D 262 22.44 -7.82 39.82
CA LYS D 262 21.08 -7.58 39.33
C LYS D 262 20.89 -7.97 37.87
N ALA D 263 21.87 -7.68 37.02
CA ALA D 263 21.85 -8.26 35.68
C ALA D 263 21.67 -9.77 35.71
N LYS D 264 22.38 -10.45 36.61
CA LYS D 264 22.23 -11.89 36.71
C LYS D 264 20.89 -12.27 37.27
N GLU D 265 20.38 -11.53 38.24
CA GLU D 265 19.03 -11.80 38.79
C GLU D 265 18.02 -11.67 37.65
N TYR D 266 18.09 -10.59 36.89
CA TYR D 266 17.21 -10.36 35.74
C TYR D 266 17.27 -11.55 34.81
N GLN D 267 18.45 -11.92 34.41
CA GLN D 267 18.61 -13.08 33.54
C GLN D 267 18.00 -14.34 34.15
N ASP D 268 18.19 -14.54 35.44
CA ASP D 268 17.69 -15.74 36.13
C ASP D 268 16.16 -15.74 36.17
N ILE D 269 15.54 -14.59 36.37
CA ILE D 269 14.10 -14.48 36.35
C ILE D 269 13.53 -14.82 34.96
N VAL D 270 14.11 -14.26 33.90
CA VAL D 270 13.70 -14.57 32.54
C VAL D 270 13.91 -16.03 32.26
N GLU D 271 14.98 -16.61 32.73
CA GLU D 271 15.24 -18.05 32.54
C GLU D 271 14.18 -18.84 33.30
N GLU D 272 13.77 -18.44 34.49
CA GLU D 272 12.75 -19.15 35.25
C GLU D 272 11.44 -19.11 34.50
N TYR D 273 11.22 -18.01 33.80
CA TYR D 273 10.01 -17.80 33.07
C TYR D 273 9.88 -18.65 31.75
N TYR D 274 11.01 -19.08 31.20
CA TYR D 274 11.06 -19.71 29.88
C TYR D 274 10.04 -20.81 29.68
N PRO D 275 9.88 -21.75 30.59
CA PRO D 275 8.85 -22.75 30.37
C PRO D 275 7.42 -22.24 30.32
N ILE D 276 7.14 -21.17 31.04
CA ILE D 276 5.82 -20.60 31.08
C ILE D 276 5.63 -19.88 29.78
N GLU D 277 6.68 -19.18 29.33
CA GLU D 277 6.66 -18.48 28.05
C GLU D 277 6.37 -19.45 26.92
N THR D 278 6.94 -20.65 27.03
CA THR D 278 6.77 -21.68 26.05
C THR D 278 5.31 -22.14 26.05
N ILE D 279 4.74 -22.39 27.22
CA ILE D 279 3.34 -22.81 27.33
C ILE D 279 2.42 -21.74 26.75
N VAL D 280 2.67 -20.49 27.10
CA VAL D 280 1.84 -19.41 26.62
C VAL D 280 1.84 -19.30 25.10
N TYR D 281 3.02 -19.41 24.51
CA TYR D 281 3.17 -19.41 23.05
C TYR D 281 2.32 -20.53 22.45
N GLY D 282 2.31 -21.71 23.07
CA GLY D 282 1.51 -22.82 22.62
C GLY D 282 0.01 -22.54 22.62
N ILE D 283 -0.47 -21.84 23.65
CA ILE D 283 -1.88 -21.52 23.79
C ILE D 283 -2.26 -20.51 22.72
N LYS D 284 -1.49 -19.44 22.64
CA LYS D 284 -1.81 -18.31 21.76
C LYS D 284 -1.81 -18.70 20.29
N ASN D 285 -0.95 -19.65 19.91
CA ASN D 285 -0.74 -20.01 18.51
C ASN D 285 -1.32 -21.42 18.26
N ILE D 286 -2.15 -21.91 19.18
CA ILE D 286 -2.75 -23.24 19.07
C ILE D 286 -1.73 -24.29 18.60
N LYS D 287 -0.55 -24.35 19.25
CA LYS D 287 0.46 -25.38 18.95
C LYS D 287 0.71 -26.25 20.20
N GLN D 288 -0.01 -27.36 20.31
CA GLN D 288 0.05 -28.23 21.48
C GLN D 288 1.49 -28.64 21.87
N GLU D 289 2.39 -28.83 20.91
CA GLU D 289 3.73 -29.37 21.25
C GLU D 289 4.50 -28.41 22.15
N PHE D 290 4.24 -27.11 22.02
CA PHE D 290 4.85 -26.11 22.87
C PHE D 290 4.27 -26.18 24.29
N ILE D 291 2.97 -26.43 24.42
CA ILE D 291 2.37 -26.60 25.72
C ILE D 291 3.05 -27.80 26.39
N GLU D 292 3.14 -28.91 25.67
CA GLU D 292 3.76 -30.13 26.20
C GLU D 292 5.22 -29.89 26.57
N ASN D 293 6.00 -29.22 25.72
CA ASN D 293 7.42 -28.98 26.00
C ASN D 293 7.66 -28.11 27.23
N GLY D 294 6.85 -27.08 27.43
CA GLY D 294 7.03 -26.21 28.57
C GLY D 294 6.68 -26.92 29.87
N ARG D 295 5.63 -27.72 29.85
CA ARG D 295 5.24 -28.49 31.03
C ARG D 295 6.32 -29.50 31.36
N LYS D 296 6.84 -30.17 30.34
CA LYS D 296 7.92 -31.12 30.57
C LYS D 296 9.12 -30.43 31.16
N GLU D 297 9.43 -29.22 30.67
CA GLU D 297 10.60 -28.48 31.21
C GLU D 297 10.45 -28.11 32.73
N ILE D 298 9.20 -27.83 33.13
CA ILE D 298 8.88 -27.59 34.53
C ILE D 298 9.20 -28.79 35.41
N TYR D 299 8.80 -30.00 34.97
CA TYR D 299 9.15 -31.26 35.68
C TYR D 299 10.67 -31.43 35.77
N LYS D 300 11.39 -31.16 34.69
CA LYS D 300 12.86 -31.30 34.71
C LYS D 300 13.48 -30.38 35.77
N ARG D 301 13.05 -29.14 35.76
CA ARG D 301 13.47 -28.15 36.76
C ARG D 301 13.03 -28.46 38.22
N THR D 302 11.82 -28.99 38.52
CA THR D 302 11.50 -29.47 39.90
C THR D 302 12.36 -30.69 40.33
PG GNP E . -10.61 10.35 -12.16
O1G GNP E . -10.11 9.70 -10.94
O2G GNP E . -12.23 10.93 -12.04
O3G GNP E . -10.41 9.48 -13.57
N3B GNP E . -9.88 11.79 -12.34
PB GNP E . -9.80 12.68 -13.67
O1B GNP E . -9.98 14.06 -13.28
O2B GNP E . -10.87 12.35 -14.93
O3A GNP E . -8.50 12.12 -14.23
PA GNP E . -7.83 12.27 -15.66
O1A GNP E . -7.15 10.97 -15.94
O2A GNP E . -8.97 12.60 -16.74
O5' GNP E . -6.95 13.65 -15.71
C5' GNP E . -7.39 14.91 -15.25
C4' GNP E . -6.83 15.83 -16.29
O4' GNP E . -5.42 15.57 -16.36
C3' GNP E . -7.28 15.58 -17.71
O3' GNP E . -8.46 16.32 -17.99
C2' GNP E . -6.15 16.19 -18.51
O2' GNP E . -6.28 17.60 -18.55
C1' GNP E . -4.94 15.86 -17.62
N9 GNP E . -4.15 14.72 -18.05
C8 GNP E . -4.03 13.49 -17.47
N7 GNP E . -3.15 12.72 -18.12
C5 GNP E . -2.69 13.53 -19.14
C6 GNP E . -1.83 13.24 -20.08
O6 GNP E . -1.27 12.19 -20.23
N1 GNP E . -1.65 14.25 -21.01
C2 GNP E . -2.25 15.47 -20.90
N2 GNP E . -1.91 16.40 -21.81
N3 GNP E . -3.12 15.76 -19.92
C4 GNP E . -3.28 14.74 -19.11
O1 RIO F . -20.53 12.59 -11.81
C1 RIO F . -20.83 13.81 -12.52
C2 RIO F . -20.09 13.97 -13.85
O2 RIO F . -20.45 12.94 -14.79
C3 RIO F . -19.86 13.40 -16.01
O3 RIO F . -20.52 12.84 -17.16
C4 RIO F . -19.90 12.79 -18.47
C5 RIO F . -18.44 12.34 -18.35
O4 RIO F . -18.33 11.03 -17.75
C6 RIO F . -17.74 12.38 -19.73
N1 RIO F . -16.31 11.99 -19.63
C7 RIO F . -17.90 13.77 -20.37
C8 RIO F . -19.39 13.95 -20.66
N2 RIO F . -19.67 14.97 -21.69
C9 RIO F . -20.12 14.06 -19.32
O5 RIO F . -21.49 14.17 -19.72
C10 RIO F . -22.53 14.39 -18.78
O6 RIO F . -22.56 15.74 -18.32
C11 RIO F . -22.85 16.73 -19.32
C12 RIO F . -22.80 18.08 -18.64
N3 RIO F . -21.43 18.31 -18.19
C13 RIO F . -24.21 16.45 -19.95
O7 RIO F . -24.42 17.34 -21.04
C14 RIO F . -24.25 15.01 -20.46
O8 RIO F . -25.54 14.76 -20.97
C15 RIO F . -23.91 14.04 -19.33
N4 RIO F . -24.03 12.59 -19.63
C16 RIO F . -20.11 14.91 -16.05
O9 RIO F . -18.99 15.55 -16.64
C17 RIO F . -20.40 15.28 -14.58
O10 RIO F . -19.58 16.35 -14.10
MG MG G . -11.08 12.47 -16.84
MG MG H . -11.71 9.05 -14.86
CL CL I . -32.27 18.24 -1.95
PG GNP J . 4.64 31.23 11.58
O1G GNP J . 5.12 29.87 11.29
O2G GNP J . 5.36 32.48 10.56
O3G GNP J . 4.54 31.81 13.19
N3B GNP J . 3.04 31.12 11.33
PB GNP J . 1.86 32.09 11.88
O1B GNP J . 0.75 32.20 10.93
O2B GNP J . 2.36 33.61 11.96
O3A GNP J . 1.25 31.35 13.16
PA GNP J . 0.36 31.85 14.39
O1A GNP J . 0.93 31.12 15.54
O2A GNP J . 0.30 33.40 14.52
O5' GNP J . -1.07 31.26 14.02
C5' GNP J . -1.76 31.74 12.87
C4' GNP J . -3.13 32.18 13.31
O4' GNP J . -3.85 31.08 13.90
C3' GNP J . -3.17 33.27 14.34
O3' GNP J . -3.18 34.58 13.79
C2' GNP J . -4.57 33.07 14.91
O2' GNP J . -5.47 33.65 14.00
C1' GNP J . -4.69 31.55 14.94
N9 GNP J . -4.24 30.95 16.25
C8 GNP J . -3.10 30.25 16.56
N7 GNP J . -3.05 29.85 17.80
C5 GNP J . -4.23 30.29 18.35
C6 GNP J . -4.83 30.09 19.67
O6 GNP J . -4.40 29.41 20.60
N1 GNP J . -6.06 30.69 19.79
C2 GNP J . -6.67 31.41 18.79
N2 GNP J . -7.85 31.92 19.06
N3 GNP J . -6.15 31.60 17.59
C4 GNP J . -4.95 31.00 17.42
O1 RIO K . 1.43 41.87 4.79
C1 RIO K . 1.94 41.85 6.13
C2 RIO K . 3.44 42.12 6.14
O2 RIO K . 3.83 43.02 7.22
C3 RIO K . 4.76 42.44 8.15
O3 RIO K . 4.18 42.58 9.45
C4 RIO K . 4.71 43.24 10.63
C5 RIO K . 4.59 42.00 11.54
O4 RIO K . 5.86 41.39 11.76
C6 RIO K . 3.86 42.20 12.90
N1 RIO K . 3.47 40.94 13.55
C7 RIO K . 2.63 43.09 12.76
C8 RIO K . 3.14 44.44 12.33
N2 RIO K . 2.04 45.42 12.52
C9 RIO K . 3.73 44.39 10.90
O5 RIO K . 4.30 45.70 10.65
C10 RIO K . 4.45 46.23 9.35
O6 RIO K . 3.34 46.03 8.48
C11 RIO K . 2.25 46.98 8.53
C12 RIO K . 1.24 46.57 7.46
N3 RIO K . 1.34 45.13 7.11
C13 RIO K . 2.75 48.40 8.31
O7 RIO K . 1.68 49.34 8.40
C14 RIO K . 3.79 48.74 9.37
O8 RIO K . 4.31 50.06 9.09
C15 RIO K . 4.92 47.70 9.40
N4 RIO K . 5.76 47.90 10.57
C16 RIO K . 4.74 40.94 7.83
O9 RIO K . 5.97 40.28 8.15
C17 RIO K . 4.29 40.87 6.34
O10 RIO K . 5.25 40.99 5.33
MG MG L . 1.30 34.80 13.84
MG MG M . 5.00 33.64 13.69
CL CL N . 11.28 43.85 -9.94
PG GNP O . -4.37 -29.04 -12.33
O1G GNP O . -4.50 -27.61 -12.55
O2G GNP O . -3.11 -29.63 -13.34
O3G GNP O . -5.69 -29.94 -12.52
N3B GNP O . -4.04 -29.34 -10.76
PB GNP O . -4.52 -30.62 -9.88
O1B GNP O . -3.61 -30.82 -8.75
O2B GNP O . -4.75 -31.85 -10.83
O3A GNP O . -5.95 -30.33 -9.29
PA GNP O . -7.20 -31.24 -8.92
O1A GNP O . -8.39 -30.70 -9.63
O2A GNP O . -6.91 -32.69 -9.38
O5' GNP O . -7.15 -31.30 -7.36
C5' GNP O . -5.97 -31.53 -6.62
C4' GNP O . -6.48 -32.34 -5.46
O4' GNP O . -7.40 -31.55 -4.71
C3' GNP O . -7.31 -33.55 -5.81
O3' GNP O . -6.50 -34.66 -6.19
C2' GNP O . -8.01 -33.82 -4.49
O2' GNP O . -7.06 -34.35 -3.56
C1' GNP O . -8.34 -32.39 -4.07
N9 GNP O . -9.69 -31.97 -4.46
C8 GNP O . -10.02 -31.08 -5.44
N7 GNP O . -11.32 -30.90 -5.54
C5 GNP O . -11.85 -31.71 -4.55
C6 GNP O . -13.20 -31.93 -4.19
O6 GNP O . -14.22 -31.38 -4.66
N1 GNP O . -13.32 -32.91 -3.23
C2 GNP O . -12.28 -33.56 -2.64
N2 GNP O . -12.58 -34.49 -1.75
N3 GNP O . -11.01 -33.30 -2.93
C4 GNP O . -10.87 -32.38 -3.90
MG MG P . -5.79 -33.76 -10.71
MG MG Q . -6.03 -31.31 -14.11
CL CL R . 19.43 -35.20 -20.57
PG GNP S . 13.54 -14.16 15.47
O1G GNP S . 12.80 -15.42 15.59
O2G GNP S . 14.94 -14.30 16.42
O3G GNP S . 12.53 -12.89 15.92
N3B GNP S . 13.93 -13.94 13.88
PB GNP S . 13.17 -13.14 12.68
O1B GNP S . 12.71 -14.07 11.65
O2B GNP S . 11.88 -12.21 13.26
O3A GNP S . 14.15 -12.29 11.76
PA GNP S . 15.70 -12.00 11.54
O1A GNP S . 15.93 -10.52 11.38
O2A GNP S . 16.45 -12.66 12.72
O5' GNP S . 15.96 -12.82 10.13
C5' GNP S . 15.90 -14.28 10.13
C4' GNP S . 17.25 -14.80 9.69
O4' GNP S . 17.63 -14.19 8.44
C3' GNP S . 18.37 -14.42 10.64
O3' GNP S . 18.40 -15.36 11.70
C2' GNP S . 19.58 -14.47 9.73
O2' GNP S . 19.99 -15.80 9.50
C1' GNP S . 19.02 -13.94 8.42
N9 GNP S . 19.25 -12.50 8.23
C8 GNP S . 18.41 -11.42 8.35
N7 GNP S . 18.93 -10.28 7.98
C5 GNP S . 20.22 -10.62 7.62
C6 GNP S . 21.36 -9.80 7.16
O6 GNP S . 21.40 -8.59 6.99
N1 GNP S . 22.48 -10.56 6.92
C2 GNP S . 22.55 -11.92 7.07
N2 GNP S . 23.73 -12.47 6.85
N3 GNP S . 21.54 -12.69 7.48
C4 GNP S . 20.42 -11.98 7.75
O1 RIO T . 12.42 -22.86 20.57
C1 RIO T . 13.36 -22.18 21.38
C2 RIO T . 12.93 -20.76 21.73
O2 RIO T . 13.82 -20.19 22.71
C3 RIO T . 13.82 -18.76 22.62
O3 RIO T . 15.17 -18.46 22.41
C4 RIO T . 15.90 -17.52 23.19
C5 RIO T . 16.00 -16.51 22.04
O4 RIO T . 15.03 -15.49 22.07
C6 RIO T . 17.39 -15.88 21.88
N1 RIO T . 17.48 -15.08 20.64
C7 RIO T . 18.46 -16.98 21.86
C8 RIO T . 18.49 -17.77 23.16
N2 RIO T . 19.52 -18.81 22.95
C9 RIO T . 17.13 -18.40 23.51
O5 RIO T . 17.21 -18.85 24.89
C10 RIO T . 16.33 -19.87 25.39
O6 RIO T . 16.28 -21.02 24.58
C11 RIO T . 17.36 -21.98 24.69
C12 RIO T . 17.03 -23.13 23.76
N3 RIO T . 16.11 -22.75 22.68
C13 RIO T . 17.53 -22.47 26.13
O7 RIO T . 18.75 -23.22 26.21
C14 RIO T . 17.58 -21.32 27.11
O8 RIO T . 17.47 -21.89 28.41
C15 RIO T . 16.44 -20.33 26.86
N4 RIO T . 16.43 -19.26 27.88
C16 RIO T . 13.13 -18.40 21.30
O9 RIO T . 11.96 -17.62 21.55
C17 RIO T . 12.95 -19.76 20.58
O10 RIO T . 11.75 -19.91 19.84
MG MG U . 16.14 -13.40 14.58
MG MG V . 13.01 -10.76 15.14
#